data_8Y8J
#
_entry.id   8Y8J
#
_cell.length_a   1.00
_cell.length_b   1.00
_cell.length_c   1.00
_cell.angle_alpha   90.00
_cell.angle_beta   90.00
_cell.angle_gamma   90.00
#
_symmetry.space_group_name_H-M   'P 1'
#
loop_
_entity.id
_entity.type
_entity.pdbx_description
1 polymer 'Spike glycoprotein'
2 branched beta-D-mannopyranose-(1-4)-2-acetamido-2-deoxy-beta-D-glucopyranose-(1-4)-2-acetamido-2-deoxy-beta-D-glucopyranose
3 branched 2-acetamido-2-deoxy-beta-D-glucopyranose-(1-4)-2-acetamido-2-deoxy-beta-D-glucopyranose
4 non-polymer 'methyl 9-O-acetyl-5-acetamido-3,5-dideoxy-D-glycero-alpha-D-galacto-non-2-ulopyranosidonic acid'
5 non-polymer 2-acetamido-2-deoxy-beta-D-glucopyranose
#
_entity_poly.entity_id   1
_entity_poly.type   'polypeptide(L)'
_entity_poly.pdbx_seq_one_letter_code
;VIGDFNCTNSFINDYNKTIPRISEDVVDVSLGLGTYYVLNRVYLNTTLLFTGYFPKSGANFRDLALKGSIYLSTLWYKPP
FLSDFNNGIFSKVKNTKLYVNNTLYSEFSTIVIGSVFVNTSYTIVVQPHNGILEITACQYTMCEYPHTVCKSKGSIRNES
WHIDSSEPLCLFKKNFTYNVSADWLYFHFYQERGVFYAYYADVGMPTTFLFSLYLGTILSHYYVMPLTCNAISSNTDNET
LEYWVTPLSRRQYLLNFDEHGVITNAVDCSSSFLSEIQCKTQSFAPNTGVYDLSGFTVKPVATVYRRIPNLPDCDIDNWL
NNVSVPSPLNWERRIFSNCNFNLSTLLRLVHVDSFSCNNLDKSKIFGSCFNSITVDKFAIPNRRRDDLQLGSSGFLQSSN
YKIDISSSSCQLYYSLPLVNVTINNFNPSSWNRRYGFGSFNLSSYDVVYSDHCFSVNSDFCPCADPSVVNSCAKSKPPSA
ICPAGTKYRHCDLDTTLYVKNWCRCSCLPDPISTYSPNTCPQKKVVVGIGEHCPGLGINEEKCGTQLNHSSCFCSPDAFL
GWSFDSCISNNRCNIFSNFIFNGINSGTTCSNDLLYSNTEISTGVCVNYDLYGITGQGIFKEVSAAYYNNWQNLLYDSNG
NIIGFKDFLTNKTYTILPCYSGRVSAAFYQNSSSPALLYRNLKCSYVLNNISFISQPFYFDSYLGCVLNAVNLTSYSVSS
CDLRMGSGFCIDYALPSSGGSGSGISSPYRFVTFEPFNVSFVNDSVETVGGLFEIQIPTNFTIAGHEEFIQTSSPKVTID
CSAFVCSNYAACHDLLSEYGTFCDNINSILNEVNDLLDITQLQVANALMQGVTLSSNLNTNLHSDVDNIDFKSLLGCLGS
QCGSSSRSPLEDLLFNKVKLSDVGFVEAYNNCTGGSEIRDLLCVQSFNGIKVLPPILSETQISGYTTAATVAAMFPPWSA
AAGVPFPLNVQYRINGLGVTMDVLNKNQKLIANAFNKALLSIQNGFTATPSALAKIQSVVNANAQALNSLLQQLFNKFGA
ISSSLQEILSRLDPPEAQVQIDRLINGRLTALNAYVSQQLSDITLIKAGASRAIEKVNECVKSQSPRINFCGNGNHILSL
VQNAPYGLLFIHFSYKPTSFKTVLVSPGLCLSGDRGIAPKQGYFIKQNDSWMFTGSSYYYPEPISDKNVVFMNSCSVNFT
KAPFIYLNNSIPNLSDFEAELSLWFKNHTSIAPNLTFNSHINATFLDLYYEMNVIQESIKSLN
;
_entity_poly.pdbx_strand_id   A,B
#
loop_
_chem_comp.id
_chem_comp.type
_chem_comp.name
_chem_comp.formula
BMA D-saccharide, beta linking beta-D-mannopyranose 'C6 H12 O6'
MJJ D-saccharide 'methyl 9-O-acetyl-5-acetamido-3,5-dideoxy-D-glycero-alpha-D-galacto-non-2-ulopyranosidonic acid' 'C14 H23 N O10'
NAG D-saccharide, beta linking 2-acetamido-2-deoxy-beta-D-glucopyranose 'C8 H15 N O6'
#
# COMPACT_ATOMS: atom_id res chain seq x y z
N VAL A 1 -5.93 -25.15 4.20
CA VAL A 1 -7.37 -25.36 4.12
C VAL A 1 -8.09 -24.13 4.66
N ILE A 2 -7.31 -23.15 5.11
CA ILE A 2 -7.91 -21.92 5.64
C ILE A 2 -8.64 -21.17 4.54
N GLY A 3 -7.98 -20.94 3.41
CA GLY A 3 -8.58 -20.26 2.28
C GLY A 3 -8.97 -21.23 1.18
N ASP A 4 -9.32 -20.65 0.03
CA ASP A 4 -9.69 -21.42 -1.16
C ASP A 4 -8.96 -20.81 -2.36
N PHE A 5 -7.73 -21.26 -2.60
CA PHE A 5 -6.93 -20.80 -3.71
C PHE A 5 -5.72 -21.71 -3.84
N ASN A 6 -5.41 -22.10 -5.07
CA ASN A 6 -4.25 -22.96 -5.33
C ASN A 6 -2.98 -22.11 -5.34
N CYS A 7 -2.09 -22.36 -4.38
CA CYS A 7 -0.85 -21.60 -4.24
C CYS A 7 0.37 -22.44 -4.60
N THR A 8 0.54 -23.60 -3.98
CA THR A 8 1.67 -24.47 -4.27
C THR A 8 1.36 -25.88 -3.79
N ASN A 9 1.98 -26.86 -4.44
CA ASN A 9 1.79 -28.25 -4.07
C ASN A 9 3.08 -29.07 -4.12
N SER A 10 4.24 -28.41 -4.18
CA SER A 10 5.50 -29.13 -4.27
C SER A 10 5.74 -29.97 -3.01
N PHE A 11 5.86 -29.31 -1.86
CA PHE A 11 6.14 -29.99 -0.60
C PHE A 11 4.83 -30.03 0.20
N ILE A 12 4.04 -31.07 -0.05
CA ILE A 12 2.77 -31.29 0.64
C ILE A 12 2.73 -32.76 1.07
N ASN A 13 2.62 -32.99 2.37
CA ASN A 13 2.55 -34.34 2.91
C ASN A 13 1.55 -34.40 4.05
N ASP A 14 1.57 -35.49 4.82
CA ASP A 14 0.64 -35.64 5.93
C ASP A 14 1.43 -35.89 7.21
N TYR A 15 0.74 -36.21 8.29
CA TYR A 15 1.38 -36.49 9.57
C TYR A 15 0.39 -37.27 10.42
N ASN A 16 0.89 -37.82 11.53
CA ASN A 16 0.07 -38.65 12.40
C ASN A 16 0.21 -38.20 13.83
N LYS A 17 1.19 -37.35 14.13
CA LYS A 17 1.42 -37.01 15.52
C LYS A 17 1.80 -35.61 15.86
N THR A 18 0.84 -34.80 16.21
CA THR A 18 1.17 -33.47 16.62
C THR A 18 0.21 -33.19 17.73
N ILE A 19 0.71 -32.90 18.88
CA ILE A 19 -0.12 -32.57 19.99
C ILE A 19 0.18 -31.13 20.33
N PRO A 20 -0.83 -30.31 20.52
CA PRO A 20 -0.53 -28.94 20.95
C PRO A 20 -0.42 -28.93 22.47
N ARG A 21 0.73 -28.75 23.10
CA ARG A 21 0.96 -28.90 24.53
C ARG A 21 0.10 -27.95 25.35
N ILE A 22 0.04 -28.19 26.67
CA ILE A 22 -0.71 -27.34 27.58
C ILE A 22 0.21 -26.90 28.70
N SER A 23 0.67 -25.64 28.63
CA SER A 23 1.61 -25.09 29.60
C SER A 23 1.11 -25.23 31.03
N GLU A 24 2.03 -25.45 31.97
CA GLU A 24 1.68 -25.54 33.38
C GLU A 24 1.52 -24.17 34.02
N ASP A 25 1.87 -23.10 33.32
CA ASP A 25 1.78 -21.74 33.87
C ASP A 25 0.31 -21.33 33.89
N VAL A 26 -0.26 -21.22 35.10
CA VAL A 26 -1.64 -20.76 35.23
C VAL A 26 -1.70 -19.25 34.98
N VAL A 27 -2.92 -18.78 34.68
CA VAL A 27 -3.14 -17.37 34.39
C VAL A 27 -3.19 -16.61 35.72
N ASP A 28 -2.14 -15.85 36.00
CA ASP A 28 -2.07 -15.01 37.20
C ASP A 28 -2.32 -13.56 36.78
N VAL A 29 -3.43 -12.99 37.25
CA VAL A 29 -3.83 -11.64 36.87
C VAL A 29 -3.75 -10.67 38.05
N SER A 30 -3.16 -11.09 39.17
CA SER A 30 -3.06 -10.21 40.33
C SER A 30 -2.08 -9.07 40.08
N LEU A 31 -1.05 -9.31 39.28
CA LEU A 31 -0.04 -8.29 38.98
C LEU A 31 -0.35 -7.50 37.72
N GLY A 32 -1.55 -7.62 37.18
CA GLY A 32 -1.94 -6.90 36.00
C GLY A 32 -1.63 -7.58 34.69
N LEU A 33 -1.13 -8.81 34.72
CA LEU A 33 -0.79 -9.56 33.51
C LEU A 33 -2.00 -10.38 33.10
N GLY A 34 -2.74 -9.90 32.11
CA GLY A 34 -3.94 -10.58 31.67
C GLY A 34 -5.09 -9.63 31.43
N THR A 35 -4.91 -8.37 31.81
CA THR A 35 -5.91 -7.32 31.64
C THR A 35 -5.44 -6.34 30.58
N TYR A 36 -6.28 -5.36 30.28
CA TYR A 36 -5.98 -4.37 29.27
C TYR A 36 -6.49 -3.00 29.71
N TYR A 37 -5.78 -1.96 29.29
CA TYR A 37 -6.25 -0.61 29.51
C TYR A 37 -7.50 -0.35 28.68
N VAL A 38 -8.22 0.72 29.04
CA VAL A 38 -9.40 1.13 28.30
C VAL A 38 -8.95 1.66 26.94
N LEU A 39 -9.90 1.91 26.04
CA LEU A 39 -9.59 2.30 24.67
C LEU A 39 -8.73 3.56 24.62
N ASN A 40 -9.23 4.68 25.13
CA ASN A 40 -8.46 5.92 25.17
C ASN A 40 -8.82 6.71 26.42
N ARG A 41 -8.89 6.04 27.56
CA ARG A 41 -9.29 6.65 28.82
C ARG A 41 -8.10 6.79 29.75
N VAL A 42 -8.16 7.79 30.63
CA VAL A 42 -7.13 8.04 31.63
C VAL A 42 -7.81 8.12 33.00
N TYR A 43 -7.28 7.38 33.96
CA TYR A 43 -7.81 7.37 35.32
C TYR A 43 -6.68 7.63 36.31
N LEU A 44 -7.05 8.24 37.44
CA LEU A 44 -6.07 8.62 38.46
C LEU A 44 -6.65 8.30 39.84
N ASN A 45 -6.00 7.38 40.55
CA ASN A 45 -6.38 7.01 41.92
C ASN A 45 -7.83 6.56 41.99
N THR A 46 -8.17 5.55 41.19
CA THR A 46 -9.55 5.09 41.10
C THR A 46 -9.58 3.56 41.09
N THR A 47 -10.79 3.02 41.25
CA THR A 47 -11.06 1.59 41.14
C THR A 47 -12.14 1.40 40.09
N LEU A 48 -11.74 0.94 38.91
CA LEU A 48 -12.64 0.80 37.78
C LEU A 48 -13.20 -0.62 37.75
N LEU A 49 -14.52 -0.75 37.75
CA LEU A 49 -15.20 -2.03 37.66
C LEU A 49 -15.62 -2.22 36.21
N PHE A 50 -14.80 -2.92 35.43
CA PHE A 50 -14.97 -3.02 33.99
C PHE A 50 -15.52 -4.38 33.63
N THR A 51 -16.65 -4.40 32.91
CA THR A 51 -17.26 -5.62 32.41
C THR A 51 -16.85 -5.77 30.94
N GLY A 52 -15.82 -6.57 30.70
CA GLY A 52 -15.24 -6.71 29.38
C GLY A 52 -15.05 -8.17 29.01
N TYR A 53 -14.04 -8.41 28.19
CA TYR A 53 -13.69 -9.75 27.74
C TYR A 53 -12.31 -10.10 28.27
N PHE A 54 -12.23 -11.14 29.07
CA PHE A 54 -11.00 -11.53 29.74
C PHE A 54 -10.87 -13.04 29.71
N PRO A 55 -9.66 -13.57 29.89
CA PRO A 55 -9.48 -15.02 29.98
C PRO A 55 -9.95 -15.55 31.34
N LYS A 56 -10.00 -16.87 31.43
CA LYS A 56 -10.44 -17.53 32.65
C LYS A 56 -9.33 -17.48 33.70
N SER A 57 -9.68 -17.05 34.91
CA SER A 57 -8.69 -16.91 35.98
C SER A 57 -8.25 -18.28 36.46
N GLY A 58 -6.96 -18.55 36.35
CA GLY A 58 -6.42 -19.84 36.76
C GLY A 58 -6.69 -20.94 35.76
N ALA A 59 -6.41 -20.67 34.49
CA ALA A 59 -6.62 -21.63 33.40
C ALA A 59 -5.29 -22.00 32.77
N ASN A 60 -5.35 -22.80 31.72
CA ASN A 60 -4.17 -23.26 31.00
C ASN A 60 -4.16 -22.71 29.58
N PHE A 61 -2.97 -22.65 29.01
CA PHE A 61 -2.77 -22.19 27.64
C PHE A 61 -2.64 -23.38 26.70
N ARG A 62 -3.00 -23.16 25.44
CA ARG A 62 -2.86 -24.16 24.39
C ARG A 62 -1.85 -23.64 23.37
N ASP A 63 -0.76 -24.38 23.19
CA ASP A 63 0.32 -23.95 22.30
C ASP A 63 -0.05 -24.29 20.87
N LEU A 64 -0.31 -23.26 20.06
CA LEU A 64 -0.62 -23.43 18.64
C LEU A 64 0.56 -23.04 17.75
N ALA A 65 1.78 -23.05 18.28
CA ALA A 65 2.95 -22.71 17.48
C ALA A 65 3.33 -23.87 16.58
N LEU A 66 3.58 -23.58 15.31
CA LEU A 66 3.93 -24.60 14.32
C LEU A 66 5.17 -24.16 13.58
N LYS A 67 6.19 -25.00 13.60
CA LYS A 67 7.44 -24.72 12.88
C LYS A 67 7.63 -25.75 11.80
N GLY A 68 8.53 -25.51 10.86
CA GLY A 68 8.75 -26.39 9.74
C GLY A 68 10.05 -26.10 9.01
N SER A 69 10.66 -27.13 8.42
CA SER A 69 11.94 -26.99 7.73
C SER A 69 11.85 -27.30 6.25
N ILE A 70 11.23 -28.42 5.87
CA ILE A 70 11.14 -28.85 4.48
C ILE A 70 9.70 -29.04 4.04
N TYR A 71 8.90 -29.73 4.85
CA TYR A 71 7.53 -30.06 4.51
C TYR A 71 6.57 -29.53 5.57
N LEU A 72 5.28 -29.50 5.20
CA LEU A 72 4.22 -29.13 6.10
C LEU A 72 2.99 -29.97 5.79
N SER A 73 2.31 -30.43 6.84
CA SER A 73 1.20 -31.35 6.67
C SER A 73 -0.13 -30.59 6.60
N THR A 74 -1.08 -31.18 5.88
CA THR A 74 -2.42 -30.60 5.79
C THR A 74 -3.17 -30.68 7.10
N LEU A 75 -2.78 -31.59 8.00
CA LEU A 75 -3.41 -31.68 9.30
C LEU A 75 -3.12 -30.47 10.18
N TRP A 76 -2.02 -29.75 9.90
CA TRP A 76 -1.72 -28.55 10.67
C TRP A 76 -2.73 -27.45 10.41
N TYR A 77 -3.38 -27.46 9.24
CA TYR A 77 -4.37 -26.45 8.91
C TYR A 77 -5.78 -26.84 9.30
N LYS A 78 -6.02 -28.13 9.53
CA LYS A 78 -7.34 -28.61 9.94
C LYS A 78 -7.54 -28.38 11.44
N PRO A 79 -8.79 -28.39 11.91
CA PRO A 79 -9.06 -28.32 13.34
C PRO A 79 -8.37 -29.45 14.09
N PRO A 80 -8.11 -29.28 15.39
CA PRO A 80 -8.47 -28.15 16.24
C PRO A 80 -7.51 -26.96 16.14
N PHE A 81 -6.59 -27.00 15.18
CA PHE A 81 -5.67 -25.88 15.02
C PHE A 81 -6.38 -24.62 14.58
N LEU A 82 -7.51 -24.75 13.88
CA LEU A 82 -8.33 -23.60 13.49
C LEU A 82 -9.45 -23.47 14.52
N SER A 83 -9.08 -22.93 15.68
CA SER A 83 -10.00 -22.86 16.80
C SER A 83 -11.14 -21.89 16.51
N ASP A 84 -12.30 -22.16 17.12
CA ASP A 84 -13.50 -21.35 16.91
C ASP A 84 -13.35 -20.05 17.68
N PHE A 85 -13.25 -18.93 16.95
CA PHE A 85 -13.13 -17.61 17.54
C PHE A 85 -14.51 -17.18 18.05
N ASN A 86 -14.83 -17.58 19.28
CA ASN A 86 -16.13 -17.28 19.84
C ASN A 86 -16.21 -15.83 20.32
N ASN A 87 -15.38 -15.45 21.28
CA ASN A 87 -15.38 -14.11 21.84
C ASN A 87 -14.07 -13.38 21.63
N GLY A 88 -12.94 -14.02 21.91
CA GLY A 88 -11.66 -13.37 21.76
C GLY A 88 -10.54 -14.31 22.16
N ILE A 89 -9.32 -13.78 22.06
CA ILE A 89 -8.11 -14.55 22.35
C ILE A 89 -7.09 -13.64 23.04
N PHE A 90 -6.40 -14.21 24.02
CA PHE A 90 -5.24 -13.59 24.65
C PHE A 90 -4.03 -14.46 24.35
N SER A 91 -3.01 -13.89 23.72
CA SER A 91 -1.88 -14.65 23.21
C SER A 91 -0.58 -14.16 23.83
N LYS A 92 0.25 -15.12 24.26
CA LYS A 92 1.59 -14.88 24.74
C LYS A 92 2.57 -15.43 23.71
N VAL A 93 3.38 -14.54 23.13
CA VAL A 93 4.30 -14.89 22.06
C VAL A 93 5.73 -14.81 22.58
N LYS A 94 6.54 -15.79 22.24
CA LYS A 94 7.94 -15.81 22.61
C LYS A 94 8.75 -15.09 21.52
N ASN A 95 9.37 -13.98 21.90
CA ASN A 95 10.17 -13.18 20.96
C ASN A 95 11.47 -13.93 20.67
N THR A 96 11.52 -14.60 19.51
CA THR A 96 12.71 -15.34 19.12
C THR A 96 13.82 -14.36 18.76
N LYS A 97 14.87 -14.34 19.57
CA LYS A 97 16.00 -13.42 19.39
C LYS A 97 17.16 -14.18 18.77
N LEU A 98 17.39 -13.96 17.49
CA LEU A 98 18.50 -14.59 16.77
C LEU A 98 19.70 -13.64 16.70
N TYR A 99 20.89 -14.23 16.75
CA TYR A 99 22.14 -13.47 16.69
C TYR A 99 22.86 -13.82 15.41
N VAL A 100 22.96 -12.86 14.51
CA VAL A 100 23.64 -13.01 13.22
C VAL A 100 24.71 -11.94 13.13
N ASN A 101 25.96 -12.35 12.99
CA ASN A 101 27.10 -11.43 12.88
C ASN A 101 27.11 -10.43 14.03
N ASN A 102 26.83 -10.93 15.23
CA ASN A 102 26.81 -10.14 16.46
C ASN A 102 25.73 -9.05 16.45
N THR A 103 24.68 -9.23 15.65
CA THR A 103 23.55 -8.33 15.68
C THR A 103 22.28 -9.13 15.96
N LEU A 104 21.26 -8.43 16.46
CA LEU A 104 20.05 -9.07 16.95
C LEU A 104 18.92 -8.97 15.92
N TYR A 105 18.11 -10.01 15.85
CA TYR A 105 16.91 -10.02 15.01
C TYR A 105 15.77 -10.66 15.79
N SER A 106 14.59 -10.04 15.71
CA SER A 106 13.40 -10.51 16.41
C SER A 106 12.47 -11.21 15.42
N GLU A 107 11.99 -12.40 15.80
CA GLU A 107 11.13 -13.18 14.93
C GLU A 107 10.06 -13.89 15.75
N PHE A 108 8.84 -13.91 15.22
CA PHE A 108 7.74 -14.74 15.71
C PHE A 108 6.66 -14.78 14.64
N SER A 109 5.63 -15.57 14.89
CA SER A 109 4.65 -15.89 13.86
C SER A 109 3.68 -14.72 13.62
N THR A 110 2.83 -14.89 12.62
CA THR A 110 1.83 -13.90 12.23
C THR A 110 0.42 -14.43 12.55
N ILE A 111 -0.55 -13.51 12.53
CA ILE A 111 -1.92 -13.83 12.89
C ILE A 111 -2.85 -13.46 11.73
N VAL A 112 -3.79 -14.34 11.43
CA VAL A 112 -4.80 -14.09 10.40
C VAL A 112 -6.17 -14.44 10.96
N ILE A 113 -7.08 -13.47 10.97
CA ILE A 113 -8.43 -13.65 11.49
C ILE A 113 -9.43 -13.39 10.38
N GLY A 114 -10.34 -14.33 10.16
CA GLY A 114 -11.33 -14.17 9.11
C GLY A 114 -12.53 -15.06 9.32
N SER A 115 -13.60 -14.74 8.59
CA SER A 115 -14.82 -15.53 8.68
C SER A 115 -14.75 -16.76 7.77
N VAL A 116 -14.58 -16.54 6.46
CA VAL A 116 -14.52 -17.63 5.50
C VAL A 116 -13.25 -17.52 4.69
N PHE A 117 -12.49 -16.44 4.89
CA PHE A 117 -11.21 -16.21 4.24
C PHE A 117 -11.35 -16.17 2.72
N VAL A 118 -12.30 -15.36 2.26
CA VAL A 118 -12.55 -15.16 0.84
C VAL A 118 -12.44 -13.67 0.54
N ASN A 119 -11.95 -13.35 -0.67
CA ASN A 119 -11.77 -11.96 -1.07
C ASN A 119 -13.08 -11.19 -1.16
N THR A 120 -14.22 -11.88 -1.13
CA THR A 120 -15.51 -11.21 -1.03
C THR A 120 -15.85 -10.81 0.40
N SER A 121 -15.01 -11.17 1.37
CA SER A 121 -15.19 -10.81 2.76
C SER A 121 -13.94 -10.10 3.26
N TYR A 122 -14.00 -9.65 4.51
CA TYR A 122 -12.90 -8.93 5.14
C TYR A 122 -12.13 -9.83 6.10
N THR A 123 -10.81 -9.76 6.02
CA THR A 123 -9.92 -10.50 6.91
C THR A 123 -8.82 -9.57 7.42
N ILE A 124 -8.37 -9.85 8.64
CA ILE A 124 -7.38 -9.03 9.33
C ILE A 124 -6.09 -9.82 9.43
N VAL A 125 -4.97 -9.17 9.10
CA VAL A 125 -3.65 -9.78 9.14
C VAL A 125 -2.74 -8.91 10.00
N VAL A 126 -2.11 -9.54 10.99
CA VAL A 126 -1.11 -8.91 11.83
C VAL A 126 0.21 -9.60 11.56
N GLN A 127 1.17 -8.86 11.00
CA GLN A 127 2.44 -9.42 10.55
C GLN A 127 3.59 -8.72 11.27
N PRO A 128 4.44 -9.45 11.98
CA PRO A 128 5.64 -8.83 12.57
C PRO A 128 6.83 -8.79 11.62
N HIS A 129 7.23 -7.58 11.23
CA HIS A 129 8.51 -7.37 10.59
C HIS A 129 9.54 -7.00 11.65
N ASN A 130 10.80 -6.88 11.22
CA ASN A 130 11.89 -6.65 12.16
C ASN A 130 11.69 -5.31 12.88
N GLY A 131 11.27 -5.37 14.14
CA GLY A 131 10.99 -4.19 14.92
C GLY A 131 9.68 -3.49 14.62
N ILE A 132 8.88 -4.02 13.69
CA ILE A 132 7.64 -3.37 13.28
C ILE A 132 6.50 -4.37 13.34
N LEU A 133 5.29 -3.86 13.57
CA LEU A 133 4.06 -4.65 13.51
C LEU A 133 3.13 -3.99 12.51
N GLU A 134 2.75 -4.73 11.46
CA GLU A 134 1.88 -4.22 10.42
C GLU A 134 0.50 -4.86 10.57
N ILE A 135 -0.53 -4.01 10.67
CA ILE A 135 -1.91 -4.47 10.81
C ILE A 135 -2.67 -4.01 9.58
N THR A 136 -3.28 -4.96 8.87
CA THR A 136 -4.03 -4.66 7.65
C THR A 136 -5.33 -5.43 7.66
N ALA A 137 -6.45 -4.72 7.60
CA ALA A 137 -7.77 -5.33 7.50
C ALA A 137 -8.27 -5.11 6.06
N CYS A 138 -8.13 -6.13 5.23
CA CYS A 138 -8.38 -5.99 3.80
C CYS A 138 -9.19 -7.19 3.32
N GLN A 139 -9.55 -7.16 2.03
CA GLN A 139 -10.23 -8.28 1.38
C GLN A 139 -9.21 -9.22 0.74
N TYR A 140 -8.30 -9.72 1.57
CA TYR A 140 -7.21 -10.55 1.10
C TYR A 140 -7.72 -11.92 0.64
N THR A 141 -7.05 -12.47 -0.37
CA THR A 141 -7.33 -13.81 -0.87
C THR A 141 -6.37 -14.77 -0.18
N MET A 142 -6.87 -15.49 0.81
CA MET A 142 -6.01 -16.36 1.62
C MET A 142 -5.62 -17.61 0.83
N CYS A 143 -4.35 -17.98 0.93
CA CYS A 143 -3.86 -19.18 0.27
C CYS A 143 -4.39 -20.43 0.97
N GLU A 144 -4.27 -21.57 0.28
CA GLU A 144 -4.77 -22.82 0.83
C GLU A 144 -3.94 -23.27 2.03
N TYR A 145 -2.61 -23.20 1.91
CA TYR A 145 -1.70 -23.61 2.97
C TYR A 145 -0.70 -22.49 3.21
N PRO A 146 -1.10 -21.47 3.97
CA PRO A 146 -0.20 -20.33 4.21
C PRO A 146 0.88 -20.67 5.22
N HIS A 147 2.02 -20.00 5.07
CA HIS A 147 3.15 -20.19 5.97
C HIS A 147 4.07 -18.97 5.88
N THR A 148 4.64 -18.59 7.02
CA THR A 148 5.58 -17.48 7.08
C THR A 148 6.99 -17.99 6.85
N VAL A 149 7.77 -17.23 6.09
CA VAL A 149 9.12 -17.62 5.68
C VAL A 149 10.13 -16.73 6.39
N CYS A 150 11.22 -17.33 6.85
CA CYS A 150 12.26 -16.60 7.54
C CYS A 150 12.97 -15.64 6.60
N LYS A 151 13.35 -14.48 7.14
CA LYS A 151 14.09 -13.48 6.39
C LYS A 151 15.41 -13.08 7.06
N SER A 152 15.74 -13.68 8.21
CA SER A 152 16.99 -13.37 8.89
C SER A 152 18.03 -14.46 8.72
N LYS A 153 17.63 -15.70 8.47
CA LYS A 153 18.57 -16.80 8.27
C LYS A 153 18.25 -17.63 7.04
N GLY A 154 17.34 -17.18 6.19
CA GLY A 154 17.02 -17.88 4.96
C GLY A 154 15.95 -18.94 5.15
N SER A 155 15.27 -19.26 4.05
CA SER A 155 14.24 -20.27 4.03
C SER A 155 14.13 -20.86 2.63
N ILE A 156 13.91 -22.17 2.56
CA ILE A 156 13.80 -22.83 1.26
C ILE A 156 12.52 -22.43 0.55
N ARG A 157 11.42 -22.32 1.28
CA ARG A 157 10.16 -21.89 0.71
C ARG A 157 10.13 -20.38 0.54
N ASN A 158 9.00 -19.86 0.05
CA ASN A 158 8.77 -18.44 -0.08
C ASN A 158 7.53 -18.04 0.70
N GLU A 159 7.54 -16.82 1.22
CA GLU A 159 6.41 -16.35 2.02
C GLU A 159 5.15 -16.26 1.19
N SER A 160 4.08 -16.89 1.69
CA SER A 160 2.80 -16.94 0.97
C SER A 160 1.68 -16.87 2.00
N TRP A 161 1.09 -15.68 2.17
CA TRP A 161 -0.06 -15.50 3.04
C TRP A 161 -1.24 -14.84 2.37
N HIS A 162 -1.07 -14.27 1.19
CA HIS A 162 -2.18 -13.68 0.43
C HIS A 162 -1.75 -13.53 -1.01
N ILE A 163 -2.73 -13.55 -1.92
CA ILE A 163 -2.48 -13.40 -3.35
C ILE A 163 -3.37 -12.27 -3.85
N ASP A 164 -2.76 -11.14 -4.20
CA ASP A 164 -3.49 -9.98 -4.69
C ASP A 164 -2.58 -9.20 -5.63
N SER A 165 -2.96 -9.13 -6.91
CA SER A 165 -2.18 -8.35 -7.87
C SER A 165 -2.19 -6.87 -7.50
N SER A 166 -3.38 -6.32 -7.25
CA SER A 166 -3.53 -4.94 -6.81
C SER A 166 -3.94 -4.92 -5.35
N GLU A 167 -3.86 -3.73 -4.76
CA GLU A 167 -4.25 -3.55 -3.37
C GLU A 167 -5.76 -3.71 -3.23
N PRO A 168 -6.25 -4.64 -2.41
CA PRO A 168 -7.70 -4.83 -2.29
C PRO A 168 -8.36 -3.73 -1.48
N LEU A 169 -9.67 -3.84 -1.28
CA LEU A 169 -10.42 -2.83 -0.53
C LEU A 169 -10.11 -2.95 0.96
N CYS A 170 -9.14 -2.18 1.44
CA CYS A 170 -8.76 -2.20 2.84
C CYS A 170 -9.55 -1.16 3.63
N LEU A 171 -9.82 -1.49 4.89
CA LEU A 171 -10.51 -0.57 5.79
C LEU A 171 -9.61 -0.01 6.88
N PHE A 172 -8.43 -0.60 7.11
CA PHE A 172 -7.52 -0.13 8.15
C PHE A 172 -6.14 -0.66 7.86
N LYS A 173 -5.16 0.24 7.77
CA LYS A 173 -3.76 -0.12 7.56
C LYS A 173 -2.91 0.72 8.50
N LYS A 174 -2.11 0.07 9.35
CA LYS A 174 -1.33 0.81 10.31
C LYS A 174 -0.05 0.06 10.66
N ASN A 175 0.94 0.81 11.14
CA ASN A 175 2.22 0.28 11.57
C ASN A 175 2.52 0.73 12.99
N PHE A 176 3.11 -0.16 13.77
CA PHE A 176 3.51 0.14 15.14
C PHE A 176 4.93 -0.35 15.36
N THR A 177 5.57 0.18 16.41
CA THR A 177 6.95 -0.17 16.74
C THR A 177 6.99 -0.87 18.09
N TYR A 178 7.87 -1.85 18.23
CA TYR A 178 8.02 -2.59 19.47
C TYR A 178 9.52 -2.78 19.76
N ASN A 179 9.81 -3.06 21.02
CA ASN A 179 11.19 -3.27 21.45
C ASN A 179 11.71 -4.59 20.91
N VAL A 180 12.88 -4.55 20.25
CA VAL A 180 13.39 -5.75 19.60
C VAL A 180 13.99 -6.72 20.59
N SER A 181 14.58 -6.23 21.68
CA SER A 181 15.20 -7.10 22.68
C SER A 181 14.22 -7.36 23.83
N ALA A 182 13.15 -8.08 23.50
CA ALA A 182 12.13 -8.44 24.46
C ALA A 182 12.08 -9.95 24.62
N ASP A 183 11.41 -10.39 25.69
CA ASP A 183 11.29 -11.81 25.99
C ASP A 183 9.94 -12.38 25.57
N TRP A 184 8.85 -11.79 26.06
CA TRP A 184 7.51 -12.30 25.79
C TRP A 184 6.59 -11.12 25.50
N LEU A 185 5.96 -11.15 24.33
CA LEU A 185 4.96 -10.16 23.96
C LEU A 185 3.56 -10.70 24.27
N TYR A 186 2.62 -9.78 24.48
CA TYR A 186 1.26 -10.14 24.82
C TYR A 186 0.28 -9.42 23.90
N PHE A 187 -0.78 -10.12 23.50
CA PHE A 187 -1.76 -9.55 22.59
C PHE A 187 -3.18 -9.92 23.05
N HIS A 188 -4.10 -8.99 22.86
CA HIS A 188 -5.52 -9.18 23.14
C HIS A 188 -6.30 -8.89 21.86
N PHE A 189 -7.21 -9.78 21.49
CA PHE A 189 -8.10 -9.53 20.37
C PHE A 189 -9.50 -9.95 20.76
N TYR A 190 -10.50 -9.14 20.41
CA TYR A 190 -11.88 -9.56 20.64
C TYR A 190 -12.81 -8.79 19.71
N GLN A 191 -14.09 -9.15 19.75
CA GLN A 191 -15.11 -8.54 18.92
C GLN A 191 -16.36 -8.31 19.76
N GLU A 192 -17.08 -7.24 19.44
CA GLU A 192 -18.30 -6.89 20.16
C GLU A 192 -19.14 -5.97 19.28
N ARG A 193 -20.40 -6.35 19.07
CA ARG A 193 -21.36 -5.52 18.33
C ARG A 193 -20.86 -5.22 16.91
N GLY A 194 -20.15 -6.18 16.32
CA GLY A 194 -19.62 -5.99 14.99
C GLY A 194 -18.38 -5.13 14.91
N VAL A 195 -17.72 -4.88 16.04
CA VAL A 195 -16.51 -4.06 16.08
C VAL A 195 -15.39 -4.90 16.66
N PHE A 196 -14.25 -4.92 15.96
CA PHE A 196 -13.08 -5.68 16.37
C PHE A 196 -12.11 -4.76 17.12
N TYR A 197 -11.69 -5.19 18.30
CA TYR A 197 -10.79 -4.42 19.16
C TYR A 197 -9.51 -5.21 19.37
N ALA A 198 -8.37 -4.50 19.32
CA ALA A 198 -7.08 -5.12 19.49
C ALA A 198 -6.21 -4.33 20.48
N TYR A 199 -5.35 -5.05 21.20
CA TYR A 199 -4.45 -4.48 22.18
C TYR A 199 -3.14 -5.27 22.16
N TYR A 200 -2.04 -4.62 22.54
CA TYR A 200 -0.74 -5.28 22.55
C TYR A 200 0.13 -4.71 23.65
N ALA A 201 1.14 -5.48 24.04
CA ALA A 201 2.12 -5.08 25.04
C ALA A 201 3.42 -5.82 24.83
N ASP A 202 4.53 -5.16 25.18
CA ASP A 202 5.86 -5.71 24.99
C ASP A 202 6.36 -6.46 26.21
N VAL A 203 6.06 -5.97 27.42
CA VAL A 203 6.54 -6.57 28.65
C VAL A 203 5.35 -7.04 29.47
N GLY A 204 5.63 -7.59 30.66
CA GLY A 204 4.57 -8.13 31.51
C GLY A 204 3.74 -7.04 32.16
N MET A 205 3.04 -6.26 31.34
CA MET A 205 2.19 -5.16 31.77
C MET A 205 0.88 -5.26 31.01
N PRO A 206 -0.16 -4.54 31.46
CA PRO A 206 -1.41 -4.50 30.70
C PRO A 206 -1.19 -4.01 29.28
N THR A 207 -1.97 -4.55 28.35
CA THR A 207 -1.78 -4.28 26.94
C THR A 207 -2.30 -2.89 26.57
N THR A 208 -1.56 -2.22 25.69
CA THR A 208 -1.92 -0.89 25.23
C THR A 208 -2.86 -0.97 24.04
N PHE A 209 -3.64 0.09 23.85
CA PHE A 209 -4.64 0.12 22.79
C PHE A 209 -3.98 0.14 21.41
N LEU A 210 -4.54 -0.66 20.50
CA LEU A 210 -4.07 -0.70 19.12
C LEU A 210 -5.07 -0.10 18.15
N PHE A 211 -6.29 -0.63 18.09
CA PHE A 211 -7.31 -0.09 17.20
C PHE A 211 -8.65 -0.75 17.48
N SER A 212 -9.70 -0.12 16.95
CA SER A 212 -11.07 -0.62 17.00
C SER A 212 -11.73 -0.29 15.68
N LEU A 213 -12.12 -1.33 14.94
CA LEU A 213 -12.64 -1.18 13.59
C LEU A 213 -14.03 -1.76 13.48
N TYR A 214 -14.95 -1.00 12.90
CA TYR A 214 -16.32 -1.45 12.69
C TYR A 214 -16.42 -2.21 11.37
N LEU A 215 -16.97 -3.42 11.43
CA LEU A 215 -17.12 -4.26 10.25
C LEU A 215 -18.55 -4.65 9.97
N GLY A 216 -19.35 -4.90 11.01
CA GLY A 216 -20.72 -5.34 10.85
C GLY A 216 -20.89 -6.83 10.62
N THR A 217 -19.83 -7.55 10.27
CA THR A 217 -19.89 -8.99 10.06
C THR A 217 -19.52 -9.70 11.37
N ILE A 218 -19.39 -11.03 11.30
CA ILE A 218 -19.05 -11.85 12.46
C ILE A 218 -17.79 -12.64 12.12
N LEU A 219 -16.76 -12.47 12.94
CA LEU A 219 -15.52 -13.23 12.76
C LEU A 219 -15.71 -14.65 13.26
N SER A 220 -15.13 -15.61 12.55
CA SER A 220 -15.35 -17.02 12.83
C SER A 220 -14.09 -17.76 13.23
N HIS A 221 -12.98 -17.58 12.51
CA HIS A 221 -11.80 -18.39 12.73
C HIS A 221 -10.54 -17.54 12.74
N TYR A 222 -9.69 -17.76 13.74
CA TYR A 222 -8.37 -17.17 13.83
C TYR A 222 -7.32 -18.24 13.63
N TYR A 223 -6.14 -17.84 13.15
CA TYR A 223 -5.09 -18.80 12.85
C TYR A 223 -3.73 -18.16 13.06
N VAL A 224 -2.85 -18.89 13.75
CA VAL A 224 -1.46 -18.50 13.90
C VAL A 224 -0.68 -19.15 12.77
N MET A 225 -0.17 -18.34 11.85
CA MET A 225 0.46 -18.87 10.66
C MET A 225 1.80 -19.54 11.02
N PRO A 226 2.06 -20.74 10.52
CA PRO A 226 3.33 -21.40 10.85
C PRO A 226 4.52 -20.69 10.22
N LEU A 227 5.71 -21.07 10.69
CA LEU A 227 6.96 -20.44 10.28
C LEU A 227 7.88 -21.48 9.67
N THR A 228 8.57 -21.10 8.60
CA THR A 228 9.52 -21.97 7.91
C THR A 228 10.89 -21.33 7.97
N CYS A 229 11.78 -21.89 8.80
CA CYS A 229 13.13 -21.37 8.98
C CYS A 229 14.12 -22.52 8.86
N ASN A 230 15.35 -22.18 8.50
CA ASN A 230 16.39 -23.19 8.32
C ASN A 230 17.23 -23.42 9.58
N ALA A 231 17.60 -22.35 10.27
CA ALA A 231 18.53 -22.44 11.40
C ALA A 231 17.82 -22.19 12.74
N ILE A 232 16.59 -22.66 12.88
CA ILE A 232 15.95 -22.58 14.19
C ILE A 232 15.64 -24.02 14.51
N SER A 233 16.45 -24.65 15.34
CA SER A 233 16.23 -26.07 15.59
C SER A 233 16.81 -26.57 16.88
N SER A 234 17.29 -27.80 16.86
CA SER A 234 17.92 -28.38 18.03
C SER A 234 19.37 -28.59 17.67
N ASN A 235 19.66 -28.55 16.37
CA ASN A 235 21.04 -28.75 15.90
C ASN A 235 21.83 -27.46 15.83
N THR A 236 21.18 -26.34 15.55
CA THR A 236 21.85 -25.04 15.47
C THR A 236 21.72 -24.22 16.74
N ASP A 237 20.63 -24.38 17.48
CA ASP A 237 20.40 -23.65 18.71
C ASP A 237 19.57 -24.53 19.64
N ASN A 238 18.98 -23.93 20.68
CA ASN A 238 18.10 -24.67 21.57
C ASN A 238 16.86 -23.88 21.97
N GLU A 239 16.55 -22.80 21.27
CA GLU A 239 15.32 -22.03 21.50
C GLU A 239 14.39 -22.21 20.31
N THR A 240 13.08 -22.32 20.60
CA THR A 240 12.09 -22.56 19.56
C THR A 240 10.95 -21.56 19.64
N LEU A 241 9.89 -21.80 18.87
CA LEU A 241 8.71 -20.93 18.87
C LEU A 241 7.70 -21.42 19.89
N GLU A 242 7.28 -20.52 20.78
CA GLU A 242 6.27 -20.82 21.79
C GLU A 242 5.17 -19.76 21.67
N TYR A 243 4.03 -20.15 21.12
CA TYR A 243 2.87 -19.27 20.95
C TYR A 243 1.72 -19.85 21.76
N TRP A 244 1.47 -19.29 22.93
CA TRP A 244 0.37 -19.73 23.78
C TRP A 244 -0.84 -18.85 23.55
N VAL A 245 -2.03 -19.44 23.63
CA VAL A 245 -3.26 -18.71 23.42
C VAL A 245 -4.32 -19.22 24.39
N THR A 246 -5.19 -18.32 24.84
CA THR A 246 -6.29 -18.67 25.72
C THR A 246 -7.56 -17.96 25.27
N PRO A 247 -8.70 -18.64 25.34
CA PRO A 247 -9.95 -18.02 24.89
C PRO A 247 -10.46 -17.01 25.90
N LEU A 248 -11.16 -15.99 25.38
CA LEU A 248 -11.73 -14.94 26.18
C LEU A 248 -13.23 -15.17 26.39
N SER A 249 -13.75 -14.60 27.47
CA SER A 249 -15.17 -14.66 27.78
C SER A 249 -15.58 -13.36 28.44
N ARG A 250 -16.89 -13.09 28.40
CA ARG A 250 -17.43 -11.87 28.98
C ARG A 250 -17.47 -12.01 30.50
N ARG A 251 -16.71 -11.17 31.19
CA ARG A 251 -16.63 -11.21 32.64
C ARG A 251 -16.26 -9.84 33.17
N GLN A 252 -16.37 -9.69 34.49
CA GLN A 252 -16.17 -8.42 35.16
C GLN A 252 -14.89 -8.47 35.98
N TYR A 253 -14.07 -7.42 35.87
CA TYR A 253 -12.83 -7.29 36.61
C TYR A 253 -12.79 -5.95 37.32
N LEU A 254 -11.89 -5.84 38.29
CA LEU A 254 -11.68 -4.60 39.03
C LEU A 254 -10.22 -4.21 38.90
N LEU A 255 -9.99 -3.01 38.36
CA LEU A 255 -8.64 -2.49 38.12
C LEU A 255 -8.38 -1.30 39.03
N ASN A 256 -7.12 -1.15 39.45
CA ASN A 256 -6.70 -0.09 40.35
C ASN A 256 -5.76 0.86 39.62
N PHE A 257 -6.16 2.12 39.50
CA PHE A 257 -5.36 3.14 38.85
C PHE A 257 -4.74 4.05 39.91
N ASP A 258 -3.42 4.21 39.84
CA ASP A 258 -2.66 4.97 40.82
C ASP A 258 -2.65 6.46 40.44
N GLU A 259 -1.78 7.23 41.09
CA GLU A 259 -1.71 8.66 40.86
C GLU A 259 -1.40 8.97 39.40
N HIS A 260 -0.48 8.21 38.79
CA HIS A 260 -0.10 8.44 37.40
C HIS A 260 -1.04 7.75 36.42
N GLY A 261 -1.54 6.57 36.77
CA GLY A 261 -2.46 5.86 35.89
C GLY A 261 -2.03 4.43 35.60
N VAL A 262 -0.88 4.04 36.14
CA VAL A 262 -0.36 2.69 35.89
C VAL A 262 -1.20 1.67 36.66
N ILE A 263 -1.56 0.59 35.99
CA ILE A 263 -2.34 -0.47 36.63
C ILE A 263 -1.44 -1.23 37.59
N THR A 264 -1.83 -1.29 38.86
CA THR A 264 -1.05 -1.95 39.90
C THR A 264 -1.64 -3.29 40.32
N ASN A 265 -2.92 -3.32 40.69
CA ASN A 265 -3.57 -4.54 41.15
C ASN A 265 -4.90 -4.71 40.45
N ALA A 266 -5.11 -5.90 39.87
CA ALA A 266 -6.35 -6.23 39.19
C ALA A 266 -6.89 -7.53 39.75
N VAL A 267 -8.20 -7.57 40.00
CA VAL A 267 -8.82 -8.76 40.57
C VAL A 267 -10.02 -9.17 39.73
N ASP A 268 -10.35 -10.46 39.83
CA ASP A 268 -11.46 -11.06 39.11
C ASP A 268 -12.56 -11.46 40.09
N CYS A 269 -13.80 -11.49 39.61
CA CYS A 269 -14.94 -11.88 40.44
C CYS A 269 -15.24 -13.37 40.26
N SER A 270 -14.22 -14.18 40.57
CA SER A 270 -14.36 -15.64 40.52
C SER A 270 -13.34 -16.23 41.49
N SER A 271 -13.81 -16.62 42.67
CA SER A 271 -12.94 -17.19 43.69
C SER A 271 -13.02 -18.72 43.70
N ALA B 302 -19.54 26.13 16.23
CA ALA B 302 -20.43 25.50 17.21
C ALA B 302 -20.13 24.01 17.33
N THR B 303 -19.67 23.41 16.24
CA THR B 303 -19.36 21.99 16.18
C THR B 303 -17.85 21.81 16.05
N VAL B 304 -17.26 21.08 16.99
CA VAL B 304 -15.84 20.79 16.99
C VAL B 304 -15.68 19.29 16.75
N TYR B 305 -15.24 18.91 15.57
CA TYR B 305 -15.14 17.52 15.16
C TYR B 305 -13.68 17.09 15.16
N ARG B 306 -13.34 16.14 16.01
CA ARG B 306 -11.98 15.61 16.12
C ARG B 306 -12.03 14.09 16.08
N ARG B 307 -11.23 13.49 15.20
CA ARG B 307 -11.18 12.03 15.09
C ARG B 307 -9.92 11.65 14.34
N ILE B 308 -9.15 10.72 14.91
CA ILE B 308 -7.91 10.28 14.27
C ILE B 308 -8.26 9.41 13.07
N PRO B 309 -7.59 9.57 11.94
CA PRO B 309 -7.92 8.76 10.75
C PRO B 309 -7.51 7.31 10.93
N ASN B 310 -8.17 6.44 10.18
CA ASN B 310 -7.84 5.02 10.16
C ASN B 310 -6.88 4.65 9.05
N LEU B 311 -6.81 5.45 7.98
CA LEU B 311 -5.93 5.23 6.86
C LEU B 311 -4.89 6.35 6.79
N PRO B 312 -3.65 6.04 6.39
CA PRO B 312 -2.62 7.08 6.33
C PRO B 312 -2.83 8.03 5.16
N ASP B 313 -1.96 9.04 5.05
CA ASP B 313 -2.03 10.00 3.96
C ASP B 313 -1.14 9.55 2.81
N CYS B 314 -1.58 9.84 1.58
CA CYS B 314 -0.88 9.41 0.39
C CYS B 314 0.04 10.47 -0.20
N ASP B 315 -0.12 11.73 0.18
CA ASP B 315 0.76 12.82 -0.23
C ASP B 315 0.82 12.95 -1.75
N ILE B 316 -0.34 13.28 -2.34
CA ILE B 316 -0.39 13.51 -3.78
C ILE B 316 0.44 14.73 -4.15
N ASP B 317 0.45 15.75 -3.29
CA ASP B 317 1.25 16.93 -3.55
C ASP B 317 2.75 16.62 -3.52
N ASN B 318 3.17 15.72 -2.63
CA ASN B 318 4.58 15.34 -2.58
C ASN B 318 4.99 14.54 -3.82
N TRP B 319 4.05 13.79 -4.40
CA TRP B 319 4.35 13.08 -5.64
C TRP B 319 4.34 14.00 -6.85
N LEU B 320 3.49 15.03 -6.83
CA LEU B 320 3.48 16.01 -7.92
C LEU B 320 4.72 16.89 -7.89
N ASN B 321 5.31 17.09 -6.71
CA ASN B 321 6.50 17.92 -6.56
C ASN B 321 7.78 17.10 -6.47
N ASN B 322 7.85 15.97 -7.17
CA ASN B 322 9.05 15.15 -7.15
C ASN B 322 10.14 15.80 -7.98
N VAL B 323 11.39 15.56 -7.57
CA VAL B 323 12.53 16.15 -8.29
C VAL B 323 12.63 15.58 -9.69
N SER B 324 12.22 14.32 -9.90
CA SER B 324 12.25 13.70 -11.22
C SER B 324 10.90 13.96 -11.89
N VAL B 325 10.87 14.93 -12.79
CA VAL B 325 9.65 15.30 -13.48
C VAL B 325 9.54 14.50 -14.78
N PRO B 326 8.42 13.83 -15.03
CA PRO B 326 8.28 13.04 -16.26
C PRO B 326 8.10 13.92 -17.49
N SER B 327 8.02 13.30 -18.66
CA SER B 327 7.88 13.99 -19.93
C SER B 327 6.55 13.65 -20.58
N PRO B 328 6.09 14.47 -21.53
CA PRO B 328 4.85 14.13 -22.27
C PRO B 328 4.84 12.70 -22.80
N LEU B 329 5.96 12.20 -23.31
CA LEU B 329 6.02 10.83 -23.79
C LEU B 329 5.96 9.84 -22.63
N ASN B 330 6.89 9.98 -21.67
CA ASN B 330 6.96 9.07 -20.53
C ASN B 330 6.19 9.64 -19.34
N TRP B 331 4.89 9.82 -19.54
CA TRP B 331 4.02 10.28 -18.48
C TRP B 331 3.85 9.18 -17.44
N GLU B 332 3.97 9.55 -16.16
CA GLU B 332 3.88 8.60 -15.06
C GLU B 332 2.50 8.67 -14.40
N ARG B 333 2.29 7.77 -13.45
CA ARG B 333 1.03 7.72 -12.72
C ARG B 333 1.25 6.94 -11.43
N ARG B 334 0.24 6.95 -10.57
CA ARG B 334 0.26 6.20 -9.33
C ARG B 334 -1.17 5.98 -8.87
N ILE B 335 -1.50 4.74 -8.51
CA ILE B 335 -2.85 4.40 -8.10
C ILE B 335 -3.03 4.73 -6.62
N PHE B 336 -3.45 5.96 -6.33
CA PHE B 336 -3.69 6.37 -4.96
C PHE B 336 -5.02 5.79 -4.48
N SER B 337 -4.97 5.04 -3.38
CA SER B 337 -6.18 4.44 -2.82
C SER B 337 -5.95 4.19 -1.34
N ASN B 338 -7.06 3.99 -0.63
CA ASN B 338 -7.05 3.72 0.81
C ASN B 338 -6.30 4.82 1.58
N CYS B 339 -6.62 6.07 1.25
CA CYS B 339 -6.01 7.21 1.92
C CYS B 339 -7.00 8.37 1.90
N ASN B 340 -6.59 9.48 2.51
CA ASN B 340 -7.37 10.71 2.54
C ASN B 340 -6.64 11.79 1.77
N PHE B 341 -7.38 12.59 1.01
CA PHE B 341 -6.80 13.67 0.23
C PHE B 341 -7.52 14.97 0.55
N ASN B 342 -6.76 16.05 0.67
CA ASN B 342 -7.28 17.37 0.97
C ASN B 342 -7.08 18.27 -0.24
N LEU B 343 -8.11 19.03 -0.60
CA LEU B 343 -8.01 19.90 -1.76
C LEU B 343 -7.32 21.22 -1.42
N SER B 344 -7.59 21.77 -0.24
CA SER B 344 -7.03 23.06 0.13
C SER B 344 -5.51 23.00 0.21
N THR B 345 -4.98 21.99 0.90
CA THR B 345 -3.53 21.85 1.01
C THR B 345 -2.89 21.61 -0.35
N LEU B 346 -3.54 20.81 -1.19
CA LEU B 346 -3.01 20.55 -2.53
C LEU B 346 -2.95 21.84 -3.37
N LEU B 347 -4.00 22.66 -3.29
CA LEU B 347 -4.01 23.89 -4.06
C LEU B 347 -3.07 24.94 -3.46
N ARG B 348 -2.82 24.87 -2.15
CA ARG B 348 -1.93 25.84 -1.51
C ARG B 348 -0.47 25.52 -1.79
N LEU B 349 -0.03 24.31 -1.46
CA LEU B 349 1.38 23.95 -1.63
C LEU B 349 1.78 23.95 -3.10
N VAL B 350 1.03 23.24 -3.93
CA VAL B 350 1.31 23.23 -5.36
C VAL B 350 0.90 24.57 -5.96
N HIS B 351 1.79 25.16 -6.74
CA HIS B 351 1.53 26.48 -7.33
C HIS B 351 0.54 26.35 -8.47
N VAL B 352 -0.75 26.47 -8.16
CA VAL B 352 -1.81 26.26 -9.14
C VAL B 352 -1.88 27.46 -10.08
N ASP B 353 -1.95 27.20 -11.38
CA ASP B 353 -2.16 28.22 -12.39
C ASP B 353 -3.49 28.08 -13.10
N SER B 354 -3.87 26.87 -13.50
CA SER B 354 -5.16 26.63 -14.13
C SER B 354 -5.73 25.32 -13.60
N PHE B 355 -7.05 25.29 -13.45
CA PHE B 355 -7.72 24.12 -12.90
C PHE B 355 -9.13 24.02 -13.48
N SER B 356 -9.49 22.83 -13.96
CA SER B 356 -10.82 22.58 -14.48
C SER B 356 -11.16 21.11 -14.29
N CYS B 357 -12.40 20.76 -14.60
CA CYS B 357 -12.85 19.38 -14.50
C CYS B 357 -13.85 19.09 -15.60
N ASN B 358 -14.26 17.83 -15.69
CA ASN B 358 -15.24 17.40 -16.68
C ASN B 358 -15.94 16.15 -16.18
N ASN B 359 -17.26 16.12 -16.37
CA ASN B 359 -18.15 15.04 -15.95
C ASN B 359 -18.31 14.96 -14.43
N LEU B 360 -17.96 16.01 -13.72
CA LEU B 360 -18.18 16.07 -12.28
C LEU B 360 -18.10 17.53 -11.83
N ASP B 361 -18.77 17.83 -10.72
CA ASP B 361 -18.82 19.17 -10.18
C ASP B 361 -17.61 19.43 -9.28
N LYS B 362 -17.22 20.70 -9.19
CA LYS B 362 -16.09 21.07 -8.33
C LYS B 362 -16.40 20.77 -6.87
N SER B 363 -17.57 21.20 -6.39
CA SER B 363 -17.97 20.93 -5.01
C SER B 363 -18.30 19.47 -4.77
N LYS B 364 -18.49 18.67 -5.82
CA LYS B 364 -18.76 17.25 -5.64
C LYS B 364 -17.53 16.50 -5.12
N ILE B 365 -16.34 16.96 -5.48
CA ILE B 365 -15.12 16.29 -5.02
C ILE B 365 -14.96 16.43 -3.51
N PHE B 366 -15.35 17.59 -2.97
CA PHE B 366 -15.22 17.84 -1.53
C PHE B 366 -16.16 16.92 -0.77
N GLY B 367 -15.59 16.01 0.03
CA GLY B 367 -16.33 15.13 0.90
C GLY B 367 -16.61 13.75 0.32
N SER B 368 -16.77 13.66 -1.00
CA SER B 368 -17.11 12.38 -1.62
C SER B 368 -15.95 11.40 -1.53
N CYS B 369 -16.29 10.13 -1.45
CA CYS B 369 -15.32 9.05 -1.39
C CYS B 369 -15.11 8.45 -2.78
N PHE B 370 -13.94 7.84 -2.97
CA PHE B 370 -13.60 7.20 -4.23
C PHE B 370 -12.91 5.87 -3.95
N ASN B 371 -12.76 5.07 -5.01
CA ASN B 371 -12.06 3.80 -4.92
C ASN B 371 -10.59 3.90 -5.32
N SER B 372 -10.29 4.66 -6.37
CA SER B 372 -8.91 4.83 -6.81
C SER B 372 -8.76 6.15 -7.54
N ILE B 373 -7.55 6.70 -7.51
CA ILE B 373 -7.22 7.95 -8.18
C ILE B 373 -5.95 7.74 -8.98
N THR B 374 -6.01 8.04 -10.27
CA THR B 374 -4.84 7.99 -11.15
C THR B 374 -4.46 9.40 -11.56
N VAL B 375 -3.19 9.74 -11.33
CA VAL B 375 -2.69 11.09 -11.60
C VAL B 375 -1.68 10.96 -12.74
N ASP B 376 -2.13 11.22 -13.96
CA ASP B 376 -1.27 11.17 -15.14
C ASP B 376 -0.67 12.56 -15.35
N LYS B 377 0.60 12.72 -15.01
CA LYS B 377 1.25 14.01 -15.04
C LYS B 377 2.43 14.02 -16.00
N PHE B 378 2.69 15.18 -16.59
CA PHE B 378 3.87 15.37 -17.42
C PHE B 378 4.10 16.87 -17.60
N ALA B 379 5.36 17.25 -17.75
CA ALA B 379 5.70 18.66 -17.88
C ALA B 379 5.07 19.26 -19.13
N ILE B 380 4.60 20.49 -18.99
CA ILE B 380 3.85 21.13 -20.09
C ILE B 380 4.82 21.54 -21.19
N PRO B 381 4.57 21.15 -22.44
CA PRO B 381 5.31 21.75 -23.56
C PRO B 381 4.71 23.08 -23.95
N ASN B 382 5.16 24.15 -23.27
CA ASN B 382 4.52 25.47 -23.39
C ASN B 382 4.32 25.92 -24.82
N ARG B 383 5.08 25.36 -25.76
CA ARG B 383 4.83 25.64 -27.18
C ARG B 383 3.43 25.16 -27.58
N ARG B 384 3.15 23.88 -27.36
CA ARG B 384 1.87 23.29 -27.71
C ARG B 384 0.99 23.15 -26.47
N ARG B 385 0.42 24.28 -26.06
CA ARG B 385 -0.54 24.28 -24.97
C ARG B 385 -1.99 24.24 -25.45
N ASP B 386 -2.26 24.70 -26.67
CA ASP B 386 -3.61 24.65 -27.22
C ASP B 386 -4.02 23.27 -27.68
N ASP B 387 -3.13 22.28 -27.61
CA ASP B 387 -3.44 20.92 -27.99
C ASP B 387 -4.07 20.12 -26.85
N LEU B 388 -4.05 20.65 -25.63
CA LEU B 388 -4.65 19.96 -24.48
C LEU B 388 -6.13 20.32 -24.31
N GLN B 389 -6.90 20.14 -25.38
CA GLN B 389 -8.32 20.41 -25.37
C GLN B 389 -9.11 19.11 -25.22
N LEU B 390 -10.31 19.23 -24.66
CA LEU B 390 -11.18 18.08 -24.46
C LEU B 390 -11.74 17.64 -25.81
N GLY B 391 -11.10 16.68 -26.43
CA GLY B 391 -11.52 16.20 -27.74
C GLY B 391 -10.58 16.60 -28.85
N SER B 392 -9.31 16.76 -28.52
CA SER B 392 -8.29 17.15 -29.49
C SER B 392 -7.63 15.93 -30.08
N SER B 393 -7.12 16.09 -31.31
CA SER B 393 -6.42 15.01 -32.01
C SER B 393 -5.18 15.52 -32.73
N GLY B 394 -4.56 16.56 -32.20
CA GLY B 394 -3.39 17.15 -32.84
C GLY B 394 -2.09 16.43 -32.55
N PHE B 395 -1.04 17.21 -32.29
CA PHE B 395 0.27 16.61 -32.06
C PHE B 395 0.35 15.96 -30.68
N LEU B 396 -0.38 16.50 -29.70
CA LEU B 396 -0.28 15.99 -28.34
C LEU B 396 -0.98 14.64 -28.21
N GLN B 397 -2.29 14.60 -28.45
CA GLN B 397 -3.05 13.37 -28.25
C GLN B 397 -2.97 12.46 -29.46
N SER B 398 -1.75 12.19 -29.94
CA SER B 398 -1.56 11.25 -31.03
C SER B 398 -0.46 10.25 -30.67
N SER B 399 0.52 10.70 -29.89
CA SER B 399 1.62 9.84 -29.45
C SER B 399 1.99 10.11 -28.00
N ASN B 400 1.01 10.51 -27.19
CA ASN B 400 1.25 10.86 -25.79
C ASN B 400 0.01 10.45 -24.99
N TYR B 401 -0.10 10.98 -23.78
CA TYR B 401 -1.24 10.63 -22.92
C TYR B 401 -2.54 11.14 -23.52
N LYS B 402 -3.58 10.30 -23.45
CA LYS B 402 -4.89 10.62 -23.97
C LYS B 402 -5.81 11.08 -22.86
N ILE B 403 -6.55 12.16 -23.11
CA ILE B 403 -7.45 12.72 -22.12
C ILE B 403 -8.70 11.85 -22.02
N ASP B 404 -9.19 11.65 -20.79
CA ASP B 404 -10.40 10.88 -20.55
C ASP B 404 -11.62 11.76 -20.66
N ILE B 405 -12.66 11.25 -21.35
CA ILE B 405 -13.89 11.99 -21.60
C ILE B 405 -15.09 11.34 -20.94
N SER B 406 -15.15 10.00 -20.92
CA SER B 406 -16.33 9.32 -20.41
C SER B 406 -16.46 9.51 -18.89
N SER B 407 -15.47 9.05 -18.14
CA SER B 407 -15.52 9.16 -16.69
C SER B 407 -15.19 10.58 -16.24
N SER B 408 -15.44 10.85 -14.96
CA SER B 408 -15.13 12.15 -14.38
C SER B 408 -13.62 12.33 -14.33
N SER B 409 -13.12 13.39 -14.98
CA SER B 409 -11.69 13.63 -15.05
C SER B 409 -11.41 15.12 -14.92
N CYS B 410 -10.41 15.45 -14.12
CA CYS B 410 -10.03 16.84 -13.89
C CYS B 410 -8.67 17.12 -14.51
N GLN B 411 -8.45 18.39 -14.88
CA GLN B 411 -7.22 18.85 -15.50
C GLN B 411 -6.61 19.97 -14.66
N LEU B 412 -5.29 19.92 -14.48
CA LEU B 412 -4.58 20.90 -13.70
C LEU B 412 -3.30 21.29 -14.43
N TYR B 413 -2.99 22.60 -14.40
CA TYR B 413 -1.78 23.13 -14.99
C TYR B 413 -1.09 23.95 -13.92
N TYR B 414 0.05 23.48 -13.42
CA TYR B 414 0.72 24.12 -12.30
C TYR B 414 2.19 24.38 -12.60
N SER B 415 2.70 25.48 -12.05
CA SER B 415 4.09 25.83 -12.21
C SER B 415 4.94 25.20 -11.12
N LEU B 416 6.24 25.08 -11.40
CA LEU B 416 7.20 24.46 -10.51
C LEU B 416 8.55 25.14 -10.72
N PRO B 417 9.26 25.49 -9.66
CA PRO B 417 10.58 26.11 -9.82
C PRO B 417 11.55 25.16 -10.51
N LEU B 418 12.41 25.74 -11.35
CA LEU B 418 13.38 24.97 -12.12
C LEU B 418 14.67 24.71 -11.35
N VAL B 419 14.78 25.19 -10.12
CA VAL B 419 16.01 25.03 -9.36
C VAL B 419 16.18 23.58 -8.93
N ASN B 420 17.35 23.01 -9.23
CA ASN B 420 17.75 21.64 -8.86
C ASN B 420 16.73 20.59 -9.30
N VAL B 421 15.87 20.92 -10.25
CA VAL B 421 14.91 19.96 -10.78
C VAL B 421 15.49 19.35 -12.06
N THR B 422 14.97 18.18 -12.42
CA THR B 422 15.43 17.48 -13.62
C THR B 422 14.23 16.94 -14.37
N ILE B 423 14.45 16.66 -15.65
CA ILE B 423 13.41 16.15 -16.54
C ILE B 423 13.82 14.76 -17.02
N ASN B 424 12.96 13.78 -16.80
CA ASN B 424 13.21 12.42 -17.25
C ASN B 424 12.57 12.22 -18.62
N ASN B 425 13.33 11.60 -19.53
CA ASN B 425 12.90 11.38 -20.90
C ASN B 425 13.18 9.95 -21.34
N PHE B 426 12.85 9.00 -20.47
CA PHE B 426 13.02 7.59 -20.79
C PHE B 426 11.98 7.15 -21.82
N ASN B 427 12.38 6.25 -22.70
CA ASN B 427 11.49 5.76 -23.74
C ASN B 427 10.89 4.44 -23.29
N PRO B 428 9.60 4.39 -22.93
CA PRO B 428 9.00 3.14 -22.42
C PRO B 428 8.57 2.19 -23.53
N SER B 429 9.56 1.67 -24.26
CA SER B 429 9.32 0.74 -25.35
C SER B 429 10.31 -0.42 -25.26
N SER B 430 9.83 -1.61 -25.61
CA SER B 430 10.66 -2.81 -25.57
C SER B 430 11.42 -3.01 -26.89
N TRP B 431 10.71 -2.96 -28.01
CA TRP B 431 11.36 -3.15 -29.31
C TRP B 431 12.29 -2.00 -29.66
N ASN B 432 12.11 -0.83 -29.03
CA ASN B 432 13.08 0.25 -29.20
C ASN B 432 14.38 -0.06 -28.48
N ARG B 433 14.30 -0.40 -27.19
CA ARG B 433 15.49 -0.77 -26.44
C ARG B 433 16.16 -2.03 -26.98
N ARG B 434 15.42 -2.88 -27.68
CA ARG B 434 16.01 -4.08 -28.26
C ARG B 434 17.00 -3.73 -29.36
N TYR B 435 16.58 -2.91 -30.32
CA TYR B 435 17.40 -2.61 -31.49
C TYR B 435 18.33 -1.42 -31.25
N GLY B 436 19.11 -1.49 -30.17
CA GLY B 436 20.14 -0.51 -29.90
C GLY B 436 19.68 0.92 -29.81
N PHE B 437 18.90 1.25 -28.78
CA PHE B 437 18.46 2.61 -28.53
C PHE B 437 19.18 3.16 -27.33
N GLY B 438 19.74 4.36 -27.47
CA GLY B 438 20.44 5.01 -26.38
C GLY B 438 19.62 6.11 -25.74
N SER B 439 19.94 7.37 -26.06
CA SER B 439 19.22 8.51 -25.53
C SER B 439 19.14 9.56 -26.62
N PHE B 440 18.66 10.76 -26.25
CA PHE B 440 18.54 11.87 -27.19
C PHE B 440 19.60 12.94 -26.98
N ASN B 441 20.32 12.92 -25.86
CA ASN B 441 21.37 13.90 -25.55
C ASN B 441 20.82 15.33 -25.61
N LEU B 442 19.78 15.56 -24.81
CA LEU B 442 19.17 16.87 -24.73
C LEU B 442 19.76 17.67 -23.58
N SER B 443 19.39 18.95 -23.51
CA SER B 443 19.85 19.85 -22.47
C SER B 443 18.82 19.91 -21.34
N SER B 444 19.15 20.69 -20.32
CA SER B 444 18.26 20.82 -19.17
C SER B 444 17.01 21.61 -19.55
N TYR B 445 15.90 21.29 -18.87
CA TYR B 445 14.64 22.00 -19.02
C TYR B 445 14.12 21.91 -20.46
N ASP B 446 14.15 20.69 -21.01
CA ASP B 446 13.67 20.43 -22.35
C ASP B 446 12.95 19.09 -22.35
N VAL B 447 11.65 19.10 -22.65
CA VAL B 447 10.83 17.91 -22.62
C VAL B 447 10.65 17.39 -24.05
N VAL B 448 10.59 16.07 -24.17
CA VAL B 448 10.50 15.41 -25.47
C VAL B 448 9.08 14.86 -25.63
N TYR B 449 8.49 15.10 -26.80
CA TYR B 449 7.17 14.60 -27.14
C TYR B 449 7.22 14.02 -28.55
N SER B 450 6.08 13.51 -29.02
CA SER B 450 6.01 12.91 -30.34
C SER B 450 4.60 13.09 -30.89
N ASP B 451 4.50 12.95 -32.22
CA ASP B 451 3.23 13.05 -32.92
C ASP B 451 2.88 11.79 -33.70
N HIS B 452 3.85 11.18 -34.38
CA HIS B 452 3.64 9.94 -35.10
C HIS B 452 4.07 8.76 -34.23
N CYS B 453 3.26 7.71 -34.23
CA CYS B 453 3.55 6.50 -33.47
C CYS B 453 3.18 5.29 -34.32
N PHE B 454 4.09 4.32 -34.40
CA PHE B 454 3.91 3.12 -35.20
C PHE B 454 4.09 1.89 -34.33
N SER B 455 3.88 0.71 -34.93
CA SER B 455 4.03 -0.55 -34.23
C SER B 455 4.56 -1.60 -35.18
N VAL B 456 5.23 -2.61 -34.63
CA VAL B 456 5.78 -3.72 -35.37
C VAL B 456 5.35 -5.01 -34.71
N ASN B 457 5.83 -6.13 -35.25
CA ASN B 457 5.54 -7.45 -34.71
C ASN B 457 6.69 -7.91 -33.80
N SER B 458 6.39 -8.92 -32.99
CA SER B 458 7.39 -9.45 -32.06
C SER B 458 8.53 -10.14 -32.78
N ASP B 459 8.34 -10.55 -34.04
CA ASP B 459 9.36 -11.21 -34.83
C ASP B 459 9.66 -10.42 -36.09
N PHE B 460 9.77 -9.10 -35.97
CA PHE B 460 10.04 -8.20 -37.08
C PHE B 460 11.40 -7.57 -36.88
N CYS B 461 12.29 -7.74 -37.86
CA CYS B 461 13.64 -7.16 -37.80
C CYS B 461 13.75 -6.04 -38.82
N PRO B 462 13.62 -4.77 -38.41
CA PRO B 462 13.80 -3.68 -39.37
C PRO B 462 15.20 -3.61 -39.93
N CYS B 463 16.20 -4.04 -39.15
CA CYS B 463 17.58 -4.15 -39.62
C CYS B 463 17.76 -5.55 -40.20
N ALA B 464 17.64 -5.66 -41.52
CA ALA B 464 17.56 -6.96 -42.18
C ALA B 464 18.86 -7.74 -42.03
N ASP B 465 18.76 -9.04 -42.28
CA ASP B 465 19.94 -9.91 -42.21
C ASP B 465 20.86 -9.64 -43.40
N PRO B 466 22.18 -9.73 -43.20
CA PRO B 466 23.10 -9.49 -44.33
C PRO B 466 22.88 -10.43 -45.50
N SER B 467 22.32 -11.62 -45.27
CA SER B 467 22.03 -12.53 -46.38
C SER B 467 20.97 -11.93 -47.30
N VAL B 468 19.92 -11.35 -46.73
CA VAL B 468 18.88 -10.71 -47.54
C VAL B 468 19.44 -9.48 -48.26
N VAL B 469 20.39 -8.79 -47.63
CA VAL B 469 20.99 -7.61 -48.25
C VAL B 469 21.85 -8.02 -49.44
N ASN B 470 22.66 -9.06 -49.28
CA ASN B 470 23.51 -9.52 -50.37
C ASN B 470 22.71 -10.23 -51.46
N SER B 471 21.55 -10.79 -51.14
CA SER B 471 20.74 -11.43 -52.17
C SER B 471 20.18 -10.40 -53.15
N CYS B 472 19.87 -9.19 -52.68
CA CYS B 472 19.36 -8.12 -53.52
C CYS B 472 20.54 -7.22 -53.89
N ALA B 473 21.08 -7.42 -55.09
CA ALA B 473 22.24 -6.64 -55.53
C ALA B 473 21.90 -5.16 -55.67
N LYS B 474 20.73 -4.86 -56.22
CA LYS B 474 20.28 -3.48 -56.38
C LYS B 474 19.25 -3.14 -55.32
N SER B 475 19.26 -1.87 -54.90
CA SER B 475 18.36 -1.37 -53.85
C SER B 475 18.52 -2.18 -52.56
N LYS B 476 19.77 -2.25 -52.08
CA LYS B 476 20.08 -3.00 -50.87
C LYS B 476 20.14 -2.07 -49.67
N PRO B 477 19.39 -2.36 -48.61
CA PRO B 477 19.41 -1.49 -47.43
C PRO B 477 20.59 -1.82 -46.53
N PRO B 478 21.29 -0.80 -46.04
CA PRO B 478 22.40 -1.04 -45.08
C PRO B 478 21.86 -1.59 -43.78
N SER B 479 22.32 -2.78 -43.40
CA SER B 479 21.85 -3.43 -42.19
C SER B 479 22.89 -4.43 -41.72
N ALA B 480 23.03 -4.56 -40.41
CA ALA B 480 23.97 -5.49 -39.80
C ALA B 480 23.28 -6.83 -39.55
N ILE B 481 23.92 -7.69 -38.77
CA ILE B 481 23.39 -9.03 -38.50
C ILE B 481 22.16 -8.91 -37.60
N CYS B 482 21.00 -9.31 -38.11
CA CYS B 482 19.79 -9.33 -37.31
C CYS B 482 19.88 -10.43 -36.26
N PRO B 483 19.48 -10.16 -35.02
CA PRO B 483 19.52 -11.19 -33.98
C PRO B 483 18.56 -12.33 -34.29
N ALA B 484 18.69 -13.41 -33.51
CA ALA B 484 17.87 -14.59 -33.71
C ALA B 484 16.49 -14.40 -33.08
N GLY B 485 15.61 -15.36 -33.33
CA GLY B 485 14.27 -15.34 -32.78
C GLY B 485 13.32 -14.36 -33.44
N THR B 486 13.73 -13.69 -34.51
CA THR B 486 12.89 -12.74 -35.21
C THR B 486 13.03 -12.93 -36.71
N LYS B 487 11.91 -12.84 -37.43
CA LYS B 487 11.94 -12.95 -38.88
C LYS B 487 12.57 -11.69 -39.48
N TYR B 488 13.26 -11.89 -40.60
CA TYR B 488 13.98 -10.81 -41.25
C TYR B 488 13.01 -9.81 -41.88
N ARG B 489 13.57 -8.76 -42.47
CA ARG B 489 12.76 -7.72 -43.09
C ARG B 489 12.21 -8.19 -44.43
N HIS B 490 10.95 -7.89 -44.67
CA HIS B 490 10.31 -8.25 -45.93
C HIS B 490 10.92 -7.43 -47.07
N CYS B 491 11.57 -8.11 -48.01
CA CYS B 491 12.20 -7.45 -49.14
C CYS B 491 11.91 -8.19 -50.44
N TRP B 502 18.32 -8.54 -57.00
CA TRP B 502 17.56 -7.29 -57.00
C TRP B 502 16.17 -7.51 -56.40
N CYS B 503 15.99 -7.05 -55.16
CA CYS B 503 14.69 -7.14 -54.50
C CYS B 503 14.54 -5.94 -53.58
N ARG B 504 13.71 -4.98 -53.98
CA ARG B 504 13.49 -3.80 -53.16
C ARG B 504 12.67 -4.14 -51.92
N CYS B 505 13.02 -3.51 -50.80
CA CYS B 505 12.33 -3.76 -49.54
C CYS B 505 11.08 -2.88 -49.46
N SER B 506 10.49 -2.79 -48.27
CA SER B 506 9.25 -2.05 -48.06
C SER B 506 9.53 -0.76 -47.28
N CYS B 507 8.46 0.00 -47.04
CA CYS B 507 8.50 1.23 -46.26
C CYS B 507 9.47 2.25 -46.86
N LEU B 508 9.14 2.67 -48.09
CA LEU B 508 9.97 3.65 -48.79
C LEU B 508 9.31 5.02 -48.78
N PRO B 509 10.09 6.09 -48.57
CA PRO B 509 11.53 6.03 -48.29
C PRO B 509 11.80 5.91 -46.80
N ASP B 510 10.78 6.12 -45.97
CA ASP B 510 10.89 6.05 -44.53
C ASP B 510 9.58 5.54 -43.96
N PRO B 511 9.60 4.88 -42.81
CA PRO B 511 8.35 4.37 -42.22
C PRO B 511 7.39 5.47 -41.77
N ILE B 512 7.85 6.71 -41.66
CA ILE B 512 6.96 7.80 -41.24
C ILE B 512 5.97 8.13 -42.34
N SER B 513 6.48 8.49 -43.51
CA SER B 513 5.66 8.85 -44.67
C SER B 513 5.85 7.80 -45.76
N THR B 514 4.76 7.17 -46.18
CA THR B 514 4.79 6.15 -47.22
C THR B 514 3.73 6.46 -48.28
N TYR B 515 3.95 5.91 -49.47
CA TYR B 515 3.01 6.12 -50.55
C TYR B 515 1.69 5.40 -50.30
N SER B 516 1.73 4.22 -49.66
CA SER B 516 0.55 3.46 -49.34
C SER B 516 0.81 2.67 -48.07
N PRO B 517 -0.06 2.76 -47.06
CA PRO B 517 0.21 2.05 -45.80
C PRO B 517 0.15 0.53 -45.94
N ASN B 518 -0.45 0.00 -47.01
CA ASN B 518 -0.54 -1.44 -47.18
C ASN B 518 0.78 -2.07 -47.60
N THR B 519 1.72 -1.28 -48.13
CA THR B 519 3.01 -1.79 -48.56
C THR B 519 4.07 -1.75 -47.47
N CYS B 520 3.73 -1.24 -46.28
CA CYS B 520 4.67 -1.17 -45.17
C CYS B 520 4.03 -1.88 -43.97
N PRO B 521 4.70 -2.87 -43.37
CA PRO B 521 4.08 -3.58 -42.24
C PRO B 521 3.90 -2.74 -40.99
N GLN B 522 4.55 -1.59 -40.91
CA GLN B 522 4.38 -0.70 -39.75
C GLN B 522 3.12 0.13 -39.95
N LYS B 523 2.08 -0.17 -39.18
CA LYS B 523 0.82 0.52 -39.30
C LYS B 523 0.78 1.72 -38.35
N LYS B 524 0.07 2.76 -38.78
CA LYS B 524 -0.08 3.99 -38.00
C LYS B 524 -0.98 3.71 -36.81
N VAL B 525 -0.38 3.58 -35.62
CA VAL B 525 -1.11 3.29 -34.40
C VAL B 525 -1.32 4.58 -33.63
N VAL B 526 -2.37 4.61 -32.81
CA VAL B 526 -2.70 5.78 -32.00
C VAL B 526 -2.69 5.38 -30.53
N VAL B 527 -2.98 6.34 -29.66
CA VAL B 527 -2.97 6.11 -28.23
C VAL B 527 -4.40 5.97 -27.74
N GLY B 528 -4.56 5.52 -26.50
CA GLY B 528 -5.87 5.34 -25.90
C GLY B 528 -5.89 5.64 -24.42
N ILE B 529 -6.92 5.15 -23.73
CA ILE B 529 -7.03 5.39 -22.30
C ILE B 529 -5.96 4.59 -21.58
N GLY B 530 -4.94 5.26 -21.07
CA GLY B 530 -3.85 4.62 -20.39
C GLY B 530 -2.85 3.91 -21.27
N GLU B 531 -3.05 3.92 -22.59
CA GLU B 531 -2.15 3.23 -23.50
C GLU B 531 -0.97 4.14 -23.87
N HIS B 532 0.23 3.59 -23.82
CA HIS B 532 1.44 4.29 -24.21
C HIS B 532 1.79 3.96 -25.66
N CYS B 533 2.49 4.88 -26.31
CA CYS B 533 2.95 4.66 -27.67
C CYS B 533 3.95 3.52 -27.70
N PRO B 534 3.73 2.46 -28.48
CA PRO B 534 4.69 1.34 -28.51
C PRO B 534 6.09 1.73 -28.94
N GLY B 535 6.28 2.90 -29.52
CA GLY B 535 7.60 3.35 -29.93
C GLY B 535 7.52 4.28 -31.11
N LEU B 536 8.62 5.02 -31.31
CA LEU B 536 8.69 5.99 -32.39
C LEU B 536 8.83 5.27 -33.73
N GLY B 537 8.84 6.06 -34.81
CA GLY B 537 9.00 5.52 -36.15
C GLY B 537 10.45 5.25 -36.49
N ILE B 538 11.02 4.18 -35.93
CA ILE B 538 12.41 3.84 -36.19
C ILE B 538 12.59 3.53 -37.67
N ASN B 539 13.55 4.21 -38.30
CA ASN B 539 13.82 3.97 -39.71
C ASN B 539 14.46 2.61 -39.90
N GLU B 540 13.95 1.85 -40.87
CA GLU B 540 14.43 0.50 -41.09
C GLU B 540 15.79 0.49 -41.76
N GLU B 541 15.93 1.20 -42.88
CA GLU B 541 17.18 1.21 -43.64
C GLU B 541 18.10 2.36 -43.21
N LYS B 542 18.39 2.43 -41.91
CA LYS B 542 19.32 3.43 -41.40
C LYS B 542 20.18 2.91 -40.28
N CYS B 543 20.25 1.60 -40.06
CA CYS B 543 21.06 1.00 -39.01
C CYS B 543 22.19 0.19 -39.62
N GLY B 544 22.96 -0.45 -38.76
CA GLY B 544 24.10 -1.26 -39.19
C GLY B 544 25.19 -1.36 -38.14
N SER B 550 28.91 -5.09 -35.06
CA SER B 550 27.78 -5.05 -34.15
C SER B 550 26.58 -5.79 -34.75
N SER B 551 25.69 -6.28 -33.87
CA SER B 551 24.49 -7.01 -34.29
C SER B 551 23.33 -6.03 -34.36
N CYS B 552 23.27 -5.30 -35.48
CA CYS B 552 22.20 -4.33 -35.74
C CYS B 552 22.12 -3.28 -34.63
N PHE B 553 23.21 -2.53 -34.49
CA PHE B 553 23.27 -1.42 -33.54
C PHE B 553 22.79 -0.17 -34.25
N CYS B 554 21.56 0.23 -33.97
CA CYS B 554 20.97 1.39 -34.64
C CYS B 554 21.56 2.68 -34.09
N SER B 555 21.92 3.58 -35.00
CA SER B 555 22.41 4.88 -34.61
C SER B 555 21.27 5.73 -34.05
N PRO B 556 21.55 6.60 -33.07
CA PRO B 556 20.49 7.46 -32.52
C PRO B 556 19.88 8.42 -33.54
N ASP B 557 20.51 8.61 -34.70
CA ASP B 557 19.94 9.45 -35.74
C ASP B 557 18.79 8.78 -36.48
N ALA B 558 18.71 7.45 -36.42
CA ALA B 558 17.65 6.72 -37.10
C ALA B 558 16.32 6.78 -36.37
N PHE B 559 16.28 7.38 -35.17
CA PHE B 559 15.05 7.50 -34.38
C PHE B 559 14.46 8.88 -34.68
N LEU B 560 13.47 8.93 -35.57
CA LEU B 560 12.83 10.16 -35.96
C LEU B 560 11.34 10.12 -35.59
N GLY B 561 10.67 11.24 -35.78
CA GLY B 561 9.28 11.38 -35.43
C GLY B 561 9.01 12.04 -34.10
N TRP B 562 10.06 12.46 -33.39
CA TRP B 562 9.94 13.10 -32.08
C TRP B 562 10.25 14.58 -32.19
N SER B 563 10.09 15.28 -31.08
CA SER B 563 10.39 16.70 -31.01
C SER B 563 10.71 17.06 -29.56
N PHE B 564 11.43 18.18 -29.41
CA PHE B 564 11.82 18.68 -28.10
C PHE B 564 11.36 20.12 -27.95
N ASP B 565 10.93 20.48 -26.74
CA ASP B 565 10.44 21.83 -26.47
C ASP B 565 10.80 22.24 -25.06
N SER B 566 11.12 23.51 -24.89
CA SER B 566 11.41 24.05 -23.58
C SER B 566 10.12 24.31 -22.81
N CYS B 567 10.26 24.59 -21.51
CA CYS B 567 9.12 24.86 -20.64
C CYS B 567 9.38 26.07 -19.76
N ILE B 568 10.10 27.06 -20.28
CA ILE B 568 10.44 28.25 -19.52
C ILE B 568 9.27 29.24 -19.59
N SER B 569 8.69 29.55 -18.44
CA SER B 569 7.64 30.55 -18.34
C SER B 569 7.82 31.28 -17.01
N ASN B 570 8.24 32.54 -17.08
CA ASN B 570 8.57 33.34 -15.89
C ASN B 570 9.65 32.65 -15.06
N ASN B 571 10.67 32.11 -15.75
CA ASN B 571 11.80 31.43 -15.12
C ASN B 571 11.34 30.23 -14.29
N ARG B 572 10.27 29.57 -14.72
CA ARG B 572 9.76 28.38 -14.03
C ARG B 572 9.20 27.42 -15.07
N CYS B 573 9.11 26.15 -14.68
CA CYS B 573 8.55 25.11 -15.54
C CYS B 573 7.06 24.94 -15.28
N ASN B 574 6.38 24.29 -16.22
CA ASN B 574 4.96 24.04 -16.11
C ASN B 574 4.69 22.55 -16.30
N ILE B 575 3.73 22.02 -15.54
CA ILE B 575 3.39 20.61 -15.58
C ILE B 575 1.87 20.47 -15.59
N PHE B 576 1.37 19.63 -16.49
CA PHE B 576 -0.04 19.28 -16.56
C PHE B 576 -0.28 17.95 -15.85
N SER B 577 -1.47 17.83 -15.25
CA SER B 577 -1.84 16.64 -14.49
C SER B 577 -3.32 16.37 -14.74
N ASN B 578 -3.62 15.15 -15.19
CA ASN B 578 -4.99 14.71 -15.37
C ASN B 578 -5.33 13.72 -14.26
N PHE B 579 -6.37 14.03 -13.50
CA PHE B 579 -6.82 13.21 -12.39
C PHE B 579 -8.05 12.43 -12.83
N ILE B 580 -7.96 11.10 -12.80
CA ILE B 580 -9.06 10.20 -13.09
C ILE B 580 -9.49 9.53 -11.81
N PHE B 581 -10.77 9.62 -11.49
CA PHE B 581 -11.33 9.05 -10.27
C PHE B 581 -12.20 7.85 -10.64
N ASN B 582 -11.89 6.69 -10.05
CA ASN B 582 -12.68 5.49 -10.23
C ASN B 582 -13.36 5.14 -8.91
N GLY B 583 -14.64 4.77 -9.00
CA GLY B 583 -15.41 4.45 -7.81
C GLY B 583 -16.14 5.65 -7.24
N ILE B 584 -16.96 6.30 -8.09
CA ILE B 584 -17.68 7.49 -7.66
C ILE B 584 -18.62 7.16 -6.52
N ASN B 585 -18.48 7.89 -5.41
CA ASN B 585 -19.33 7.73 -4.23
C ASN B 585 -19.25 6.31 -3.67
N SER B 586 -18.04 5.75 -3.63
CA SER B 586 -17.81 4.42 -3.09
C SER B 586 -16.37 4.35 -2.60
N GLY B 587 -15.92 3.14 -2.27
CA GLY B 587 -14.56 2.96 -1.82
C GLY B 587 -14.29 3.59 -0.47
N THR B 588 -13.01 3.75 -0.16
CA THR B 588 -12.59 4.32 1.11
C THR B 588 -11.74 5.58 0.96
N THR B 589 -11.31 5.93 -0.26
CA THR B 589 -10.52 7.14 -0.49
C THR B 589 -11.47 8.32 -0.42
N CYS B 590 -11.66 8.86 0.77
CA CYS B 590 -12.56 9.97 1.01
C CYS B 590 -11.78 11.27 1.18
N SER B 591 -12.49 12.38 1.01
CA SER B 591 -11.92 13.71 1.18
C SER B 591 -12.33 14.28 2.52
N ASN B 592 -11.35 14.76 3.29
CA ASN B 592 -11.57 15.32 4.61
C ASN B 592 -11.63 16.84 4.60
N ASP B 593 -12.16 17.43 3.51
CA ASP B 593 -12.23 18.87 3.39
C ASP B 593 -13.48 19.45 4.05
N LEU B 594 -14.61 18.75 3.99
CA LEU B 594 -15.85 19.27 4.56
C LEU B 594 -15.84 19.17 6.08
N LEU B 595 -15.34 18.07 6.63
CA LEU B 595 -15.34 17.91 8.09
C LEU B 595 -14.23 18.73 8.73
N TYR B 596 -13.00 18.56 8.26
CA TYR B 596 -11.85 19.32 8.79
C TYR B 596 -11.78 20.66 8.06
N SER B 597 -12.63 21.59 8.51
CA SER B 597 -12.72 22.91 7.91
C SER B 597 -12.24 24.01 8.84
N ASN B 598 -12.77 24.09 10.05
CA ASN B 598 -12.36 25.12 10.99
C ASN B 598 -11.02 24.77 11.63
N THR B 599 -10.97 23.65 12.35
CA THR B 599 -9.75 23.17 13.02
C THR B 599 -9.16 24.25 13.92
N GLU B 600 -10.02 24.91 14.68
CA GLU B 600 -9.58 25.97 15.59
C GLU B 600 -10.53 25.99 16.78
N ILE B 601 -10.04 25.53 17.93
CA ILE B 601 -10.84 25.46 19.15
C ILE B 601 -10.71 26.78 19.90
N SER B 602 -11.82 27.45 20.13
CA SER B 602 -11.85 28.70 20.86
C SER B 602 -12.23 28.46 22.32
N THR B 603 -11.54 29.15 23.22
CA THR B 603 -11.79 29.01 24.65
C THR B 603 -13.10 29.66 25.05
N VAL B 607 -20.32 24.63 23.27
CA VAL B 607 -19.75 24.18 22.00
C VAL B 607 -20.00 22.69 21.81
N ASN B 608 -20.85 22.35 20.84
CA ASN B 608 -21.16 20.96 20.55
C ASN B 608 -19.93 20.29 19.94
N TYR B 609 -19.45 19.23 20.59
CA TYR B 609 -18.23 18.55 20.18
C TYR B 609 -18.52 17.10 19.84
N ASP B 610 -17.77 16.58 18.87
CA ASP B 610 -17.76 15.17 18.48
C ASP B 610 -16.30 14.78 18.43
N LEU B 611 -15.80 14.23 19.54
CA LEU B 611 -14.38 13.94 19.72
C LEU B 611 -14.20 12.43 19.76
N TYR B 612 -13.50 11.89 18.75
CA TYR B 612 -13.13 10.47 18.69
C TYR B 612 -14.34 9.55 18.83
N GLY B 613 -15.49 9.98 18.34
CA GLY B 613 -16.71 9.20 18.39
C GLY B 613 -17.65 9.58 19.51
N ILE B 614 -17.16 10.24 20.55
CA ILE B 614 -17.98 10.64 21.68
C ILE B 614 -18.58 12.01 21.40
N THR B 615 -19.91 12.11 21.48
CA THR B 615 -20.61 13.36 21.22
C THR B 615 -21.06 13.99 22.54
N GLY B 616 -21.03 15.31 22.58
CA GLY B 616 -21.46 16.00 23.79
C GLY B 616 -21.49 17.50 23.58
N GLN B 617 -21.78 18.21 24.68
CA GLN B 617 -21.85 19.66 24.68
C GLN B 617 -21.21 20.19 25.94
N GLY B 618 -20.37 21.21 25.82
CA GLY B 618 -19.71 21.79 26.97
C GLY B 618 -18.75 22.88 26.54
N ILE B 619 -18.19 23.55 27.54
CA ILE B 619 -17.23 24.63 27.32
C ILE B 619 -15.82 24.09 27.55
N PHE B 620 -14.87 24.62 26.80
CA PHE B 620 -13.48 24.19 26.85
C PHE B 620 -12.61 25.26 27.50
N LYS B 621 -11.53 24.81 28.13
CA LYS B 621 -10.57 25.70 28.77
C LYS B 621 -9.16 25.16 28.54
N GLU B 622 -8.18 26.04 28.71
CA GLU B 622 -6.78 25.70 28.51
C GLU B 622 -6.09 25.57 29.86
N VAL B 623 -5.53 24.40 30.13
CA VAL B 623 -4.77 24.13 31.34
C VAL B 623 -3.49 23.39 30.96
N SER B 624 -2.67 23.11 31.96
CA SER B 624 -1.42 22.37 31.78
C SER B 624 -1.60 20.94 32.25
N ALA B 625 -1.07 20.00 31.46
CA ALA B 625 -1.20 18.58 31.79
C ALA B 625 -0.06 17.82 31.13
N ALA B 626 0.45 16.81 31.85
CA ALA B 626 1.52 15.97 31.33
C ALA B 626 1.31 14.49 31.66
N TYR B 627 0.09 14.11 32.04
CA TYR B 627 -0.21 12.74 32.42
C TYR B 627 -0.84 11.94 31.28
N TYR B 628 -0.56 12.30 30.03
CA TYR B 628 -1.08 11.59 28.88
C TYR B 628 0.00 10.71 28.26
N ASN B 629 -0.40 9.52 27.83
CA ASN B 629 0.51 8.59 27.17
C ASN B 629 0.45 8.80 25.67
N ASN B 630 1.08 7.88 24.92
CA ASN B 630 1.11 7.98 23.46
C ASN B 630 -0.12 7.39 22.79
N TRP B 631 -1.09 6.88 23.56
CA TRP B 631 -2.30 6.32 22.99
C TRP B 631 -3.57 6.76 23.71
N GLN B 632 -3.47 7.59 24.75
CA GLN B 632 -4.61 8.01 25.56
C GLN B 632 -4.86 9.48 25.30
N ASN B 633 -5.98 9.79 24.64
CA ASN B 633 -6.36 11.16 24.33
C ASN B 633 -7.47 11.71 25.19
N LEU B 634 -8.51 10.91 25.45
CA LEU B 634 -9.65 11.37 26.22
C LEU B 634 -9.41 11.15 27.71
N LEU B 635 -9.97 12.04 28.52
CA LEU B 635 -9.91 11.96 29.97
C LEU B 635 -11.29 11.66 30.51
N TYR B 636 -11.44 10.52 31.19
CA TYR B 636 -12.72 10.10 31.76
C TYR B 636 -12.58 9.96 33.27
N ASP B 637 -13.73 10.07 33.94
CA ASP B 637 -13.80 9.90 35.38
C ASP B 637 -14.35 8.51 35.70
N SER B 638 -14.46 8.21 37.00
CA SER B 638 -14.98 6.92 37.42
C SER B 638 -16.47 6.77 37.17
N ASN B 639 -17.19 7.88 36.99
CA ASN B 639 -18.62 7.81 36.73
C ASN B 639 -18.92 7.42 35.28
N GLY B 640 -18.11 7.91 34.34
CA GLY B 640 -18.32 7.59 32.95
C GLY B 640 -18.50 8.81 32.06
N ASN B 641 -18.05 9.96 32.55
CA ASN B 641 -18.16 11.21 31.81
C ASN B 641 -16.79 11.69 31.36
N ILE B 642 -16.76 12.38 30.23
CA ILE B 642 -15.53 12.94 29.68
C ILE B 642 -15.32 14.34 30.25
N ILE B 643 -14.11 14.63 30.70
CA ILE B 643 -13.78 15.91 31.30
C ILE B 643 -12.61 16.60 30.61
N GLY B 644 -11.98 15.97 29.64
CA GLY B 644 -10.86 16.60 28.96
C GLY B 644 -10.39 15.75 27.80
N PHE B 645 -9.54 16.35 26.97
CA PHE B 645 -9.00 15.67 25.80
C PHE B 645 -7.73 16.39 25.35
N LYS B 646 -7.04 15.76 24.40
CA LYS B 646 -5.83 16.30 23.81
C LYS B 646 -5.99 16.33 22.30
N ASP B 647 -5.69 17.48 21.69
CA ASP B 647 -5.75 17.63 20.25
C ASP B 647 -4.56 16.92 19.60
N PHE B 648 -4.83 15.98 18.71
CA PHE B 648 -3.78 15.21 18.06
C PHE B 648 -3.07 15.98 16.95
N LEU B 649 -3.45 17.24 16.71
CA LEU B 649 -2.80 18.06 15.69
C LEU B 649 -1.94 19.18 16.25
N THR B 650 -2.21 19.65 17.46
CA THR B 650 -1.44 20.73 18.06
C THR B 650 -0.95 20.42 19.47
N ASN B 651 -1.23 19.23 19.99
CA ASN B 651 -0.81 18.82 21.34
C ASN B 651 -1.33 19.78 22.42
N LYS B 652 -2.47 20.42 22.15
CA LYS B 652 -3.08 21.34 23.11
C LYS B 652 -4.14 20.60 23.91
N THR B 653 -3.93 20.50 25.22
CA THR B 653 -4.88 19.82 26.09
C THR B 653 -6.02 20.78 26.44
N TYR B 654 -7.26 20.36 26.16
CA TYR B 654 -8.44 21.15 26.47
C TYR B 654 -9.30 20.38 27.45
N THR B 655 -9.59 20.98 28.60
CA THR B 655 -10.43 20.38 29.62
C THR B 655 -11.75 21.13 29.73
N ILE B 656 -12.73 20.46 30.32
CA ILE B 656 -14.06 21.02 30.46
C ILE B 656 -14.30 21.46 31.91
C1 NAG C . -11.18 -13.99 -5.53
C2 NAG C . -10.26 -13.87 -6.73
C3 NAG C . -10.68 -14.86 -7.82
C4 NAG C . -10.77 -16.27 -7.26
C5 NAG C . -11.68 -16.29 -6.04
C6 NAG C . -11.73 -17.63 -5.35
C7 NAG C . -9.29 -11.63 -6.94
C8 NAG C . -9.42 -10.28 -7.56
N2 NAG C . -10.23 -12.52 -7.25
O3 NAG C . -9.73 -14.82 -8.88
O4 NAG C . -11.31 -17.14 -8.25
O5 NAG C . -11.20 -15.35 -5.06
O6 NAG C . -10.43 -18.21 -5.27
O7 NAG C . -8.35 -11.91 -6.21
C1 NAG C . -10.30 -18.12 -8.61
C2 NAG C . -11.01 -19.30 -9.28
C3 NAG C . -9.99 -20.35 -9.71
C4 NAG C . -8.91 -19.71 -10.58
C5 NAG C . -8.29 -18.50 -9.87
C6 NAG C . -7.31 -17.75 -10.73
C7 NAG C . -13.25 -20.18 -8.77
C8 NAG C . -14.14 -20.77 -7.73
N2 NAG C . -12.00 -19.89 -8.39
O3 NAG C . -10.65 -21.38 -10.42
O4 NAG C . -7.88 -20.66 -10.85
O5 NAG C . -9.32 -17.58 -9.51
O6 NAG C . -7.96 -17.15 -11.85
O7 NAG C . -13.64 -19.95 -9.91
C1 BMA C . -7.99 -21.11 -12.21
C2 BMA C . -6.58 -21.56 -12.67
C3 BMA C . -6.65 -22.24 -14.05
C4 BMA C . -7.76 -23.30 -14.08
C5 BMA C . -9.10 -22.68 -13.65
C6 BMA C . -10.23 -23.68 -13.65
O2 BMA C . -6.04 -22.51 -11.78
O3 BMA C . -5.41 -22.81 -14.41
O4 BMA C . -7.88 -23.83 -15.40
O5 BMA C . -8.93 -22.17 -12.32
O6 BMA C . -11.46 -22.97 -13.52
C1 NAG D . 4.86 -0.75 7.52
C2 NAG D . 4.75 0.17 6.30
C3 NAG D . 5.06 -0.61 5.03
C4 NAG D . 6.41 -1.30 5.14
C5 NAG D . 6.45 -2.16 6.40
C6 NAG D . 7.80 -2.79 6.65
C7 NAG D . 3.13 1.97 6.74
C8 NAG D . 1.72 2.43 6.57
N2 NAG D . 3.42 0.78 6.22
O3 NAG D . 5.06 0.29 3.92
O4 NAG D . 6.63 -2.13 4.01
O5 NAG D . 6.16 -1.34 7.55
O6 NAG D . 8.85 -1.84 6.48
O7 NAG D . 3.97 2.64 7.33
C1 NAG D . 7.69 -1.57 3.21
C2 NAG D . 8.42 -2.71 2.51
C3 NAG D . 9.53 -2.16 1.62
C4 NAG D . 8.96 -1.11 0.66
C5 NAG D . 8.21 -0.04 1.44
C6 NAG D . 7.52 0.97 0.55
C7 NAG D . 8.42 -4.86 3.70
C8 NAG D . 9.12 -5.70 4.73
N2 NAG D . 8.97 -3.65 3.46
O3 NAG D . 10.13 -3.22 0.88
O4 NAG D . 10.02 -0.50 -0.07
O5 NAG D . 7.19 -0.64 2.24
O6 NAG D . 6.30 0.45 0.03
O7 NAG D . 7.41 -5.24 3.12
C1 NAG E . 14.19 -3.31 25.37
C2 NAG E . 14.50 -1.94 25.97
C3 NAG E . 15.89 -1.94 26.61
C4 NAG E . 16.00 -3.07 27.64
C5 NAG E . 15.63 -4.40 26.97
C6 NAG E . 15.60 -5.56 27.95
C7 NAG E . 14.02 0.35 25.21
C8 NAG E . 14.00 1.29 24.04
N2 NAG E . 14.43 -0.90 24.95
O3 NAG E . 16.12 -0.69 27.25
O4 NAG E . 17.31 -3.15 28.15
O5 NAG E . 14.32 -4.31 26.40
O6 NAG E . 15.06 -5.17 29.21
O7 NAG E . 13.69 0.70 26.34
C1 NAG E . 17.30 -2.71 29.53
C2 NAG E . 18.41 -3.44 30.29
C3 NAG E . 18.45 -2.97 31.73
C4 NAG E . 18.56 -1.45 31.80
C5 NAG E . 17.45 -0.80 30.98
C6 NAG E . 17.58 0.70 30.90
C7 NAG E . 18.95 -5.67 29.43
C8 NAG E . 18.62 -7.14 29.49
N2 NAG E . 18.22 -4.88 30.22
O3 NAG E . 19.57 -3.56 32.40
O4 NAG E . 18.47 -1.01 33.15
O5 NAG E . 17.49 -1.30 29.63
O6 NAG E . 18.93 1.11 30.89
O7 NAG E . 19.82 -5.24 28.69
C1 NAG F . 21.02 -28.18 23.31
C2 NAG F . 22.33 -28.23 22.52
C3 NAG F . 22.83 -29.68 22.42
C4 NAG F . 22.93 -30.30 23.82
C5 NAG F . 21.62 -30.13 24.57
C6 NAG F . 21.70 -30.59 26.00
C7 NAG F . 23.13 -27.05 20.52
C8 NAG F . 22.77 -26.54 19.15
N2 NAG F . 22.15 -27.67 21.18
O3 NAG F . 24.09 -29.70 21.77
O4 NAG F . 23.23 -31.68 23.70
O5 NAG F . 21.24 -28.75 24.60
O6 NAG F . 22.89 -30.14 26.63
O7 NAG F . 24.26 -26.91 21.00
C1 NAG F . 24.59 -31.92 24.14
C2 NAG F . 24.79 -33.42 24.31
C3 NAG F . 26.22 -33.72 24.73
C4 NAG F . 27.21 -33.08 23.75
C5 NAG F . 26.91 -31.60 23.61
C6 NAG F . 27.77 -30.93 22.56
C7 NAG F . 22.74 -34.64 24.93
C8 NAG F . 21.89 -35.13 26.06
N2 NAG F . 23.84 -33.96 25.28
O3 NAG F . 26.42 -35.12 24.77
O4 NAG F . 28.53 -33.25 24.22
O5 NAG F . 25.54 -31.40 23.20
O6 NAG F . 27.44 -31.38 21.25
O7 NAG F . 22.46 -34.84 23.76
C1 NAG G . 3.10 16.37 19.68
C2 NAG G . 3.96 16.79 18.48
C3 NAG G . 4.61 15.57 17.84
C4 NAG G . 5.38 14.78 18.89
C5 NAG G . 4.47 14.43 20.07
C6 NAG G . 5.20 13.74 21.21
C7 NAG G . 3.08 18.85 17.48
C8 NAG G . 2.21 19.43 16.41
N2 NAG G . 3.16 17.51 17.51
O3 NAG G . 5.48 15.99 16.81
O4 NAG G . 5.88 13.56 18.31
O5 NAG G . 3.91 15.63 20.62
O6 NAG G . 6.42 14.39 21.50
O7 NAG G . 3.67 19.55 18.29
C1 NAG G . 7.31 13.65 18.24
C2 NAG G . 7.89 12.24 18.24
C3 NAG G . 9.40 12.29 18.12
C4 NAG G . 9.81 13.11 16.90
C5 NAG G . 9.17 14.49 16.96
C6 NAG G . 9.42 15.32 15.72
C7 NAG G . 6.46 10.68 19.48
C8 NAG G . 6.20 10.01 20.80
N2 NAG G . 7.50 11.52 19.44
O3 NAG G . 9.91 10.96 18.00
O4 NAG G . 11.23 13.25 16.87
O5 NAG G . 7.73 14.35 17.06
O6 NAG G . 8.39 15.16 14.76
O7 NAG G . 5.76 10.46 18.50
C1 NAG H . -8.54 20.35 4.42
C2 NAG H . -7.52 21.38 4.95
C3 NAG H . -8.25 22.55 5.59
C4 NAG H . -9.27 23.14 4.64
C5 NAG H . -10.21 22.05 4.14
C6 NAG H . -11.20 22.54 3.11
C7 NAG H . -5.29 21.05 5.92
C8 NAG H . -4.49 20.32 6.95
N2 NAG H . -6.60 20.76 5.88
O3 NAG H . -7.29 23.53 5.96
O4 NAG H . -10.02 24.15 5.29
O5 NAG H . -9.46 21.00 3.53
O6 NAG H . -10.68 23.62 2.34
O7 NAG H . -4.79 21.87 5.16
C1 NAG H . -9.61 25.44 4.78
C2 NAG H . -10.70 26.47 5.11
C3 NAG H . -10.27 27.85 4.63
C4 NAG H . -8.91 28.21 5.20
C5 NAG H . -7.89 27.12 4.87
C6 NAG H . -6.54 27.36 5.52
C7 NAG H . -13.14 26.29 5.13
C8 NAG H . -14.36 25.84 4.37
N2 NAG H . -11.97 26.09 4.52
O3 NAG H . -11.24 28.82 5.05
O4 NAG H . -8.46 29.44 4.64
O5 NAG H . -8.36 25.86 5.36
O6 NAG H . -5.87 26.13 5.78
O7 NAG H . -13.22 26.81 6.23
O4 MJJ I . 9.45 -32.41 14.62
C4 MJJ I . 8.97 -31.03 14.73
C5 MJJ I . 8.04 -30.75 13.58
N5 MJJ I . 7.38 -29.44 13.82
C10 MJJ I . 6.09 -29.39 14.48
O10 MJJ I . 5.57 -30.40 14.82
C11 MJJ I . 5.40 -28.06 14.72
C3 MJJ I . 10.12 -30.13 14.79
C2 MJJ I . 10.68 -29.91 13.38
O2 MJJ I . 11.55 -31.01 13.57
CM2 MJJ I . 12.51 -31.05 14.61
C1 MJJ I . 11.87 -29.02 13.16
O1A MJJ I . 12.61 -29.20 12.16
O1B MJJ I . 12.11 -28.07 13.95
O6 MJJ I . 10.16 -30.73 12.25
C6 MJJ I . 8.71 -30.73 12.21
C7 MJJ I . 8.24 -31.95 11.42
O7 MJJ I . 8.23 -33.08 12.26
C8 MJJ I . 9.17 -32.18 10.24
O8 MJJ I . 9.70 -30.97 9.81
C9 MJJ I . 8.41 -32.84 9.10
O9 MJJ I . 7.10 -32.35 9.09
CA9 MJJ I . 6.36 -32.75 7.96
OA9 MJJ I . 6.88 -33.35 7.09
CM9 MJJ I . 4.87 -32.42 7.88
C1 NAG J . -1.99 -25.87 -8.57
C2 NAG J . -2.55 -27.21 -9.02
C3 NAG J . -1.41 -28.15 -9.41
C4 NAG J . -0.49 -27.50 -10.43
C5 NAG J . -0.02 -26.13 -9.93
C6 NAG J . 0.78 -25.37 -10.95
C7 NAG J . -4.69 -28.02 -8.12
C8 NAG J . -5.29 -27.60 -9.43
N2 NAG J . -3.38 -27.81 -7.99
O3 NAG J . -1.95 -29.36 -9.94
O4 NAG J . 0.64 -28.33 -10.68
O5 NAG J . -1.16 -25.31 -9.60
O6 NAG J . 1.10 -24.06 -10.48
O7 NAG J . -5.36 -28.53 -7.23
C1 NAG K . 10.92 -18.48 -4.51
C2 NAG K . 10.92 -19.87 -5.17
C3 NAG K . 12.16 -20.02 -6.05
C4 NAG K . 12.25 -18.86 -7.04
C5 NAG K . 12.18 -17.53 -6.31
C6 NAG K . 12.14 -16.34 -7.24
C7 NAG K . 9.89 -21.82 -4.11
C8 NAG K . 10.00 -22.84 -3.02
N2 NAG K . 10.88 -20.92 -4.17
O3 NAG K . 12.09 -21.25 -6.75
O4 NAG K . 13.47 -18.94 -7.77
O5 NAG K . 10.99 -17.47 -5.51
O6 NAG K . 11.69 -16.71 -8.54
O7 NAG K . 8.95 -21.81 -4.90
C1 NAG L . 25.85 15.60 -26.67
C2 NAG L . 27.12 14.77 -26.91
C3 NAG L . 28.34 15.60 -26.56
C4 NAG L . 28.33 16.91 -27.32
C5 NAG L . 27.01 17.65 -27.09
C6 NAG L . 26.89 18.91 -27.92
C7 NAG L . 26.70 12.37 -26.63
C8 NAG L . 26.74 11.21 -25.68
N2 NAG L . 27.09 13.55 -26.12
O3 NAG L . 29.52 14.86 -26.89
O4 NAG L . 29.42 17.73 -26.91
O5 NAG L . 25.91 16.80 -27.44
O6 NAG L . 28.16 19.41 -28.32
O7 NAG L . 26.33 12.25 -27.79
C1 NAG M . 15.17 22.50 -5.11
C2 NAG M . 15.56 22.44 -3.63
C3 NAG M . 14.31 22.40 -2.76
C4 NAG M . 13.38 23.55 -3.10
C5 NAG M . 13.08 23.56 -4.60
C6 NAG M . 12.25 24.76 -5.03
C7 NAG M . 17.68 21.42 -2.97
C8 NAG M . 18.42 20.13 -2.73
N2 NAG M . 16.41 21.30 -3.36
O3 NAG M . 14.69 22.47 -1.39
O4 NAG M . 12.16 23.43 -2.37
O5 NAG M . 14.30 23.62 -5.35
O6 NAG M . 12.84 25.97 -4.61
O7 NAG M . 18.21 22.51 -2.81
#